data_5TP1
#
_entry.id   5TP1
#
_cell.length_a   36.730
_cell.length_b   110.100
_cell.length_c   86.130
_cell.angle_alpha   90.00
_cell.angle_beta   90.34
_cell.angle_gamma   90.00
#
_symmetry.space_group_name_H-M   'P 1 21 1'
#
loop_
_entity.id
_entity.type
_entity.pdbx_description
1 polymer 'Sorting nexin-5'
2 polymer 'Inclusion membrane protein E'
3 water water
#
loop_
_entity_poly.entity_id
_entity_poly.type
_entity_poly.pdbx_seq_one_letter_code
_entity_poly.pdbx_strand_id
1 'polypeptide(L)'
;GPSSPSVSVDLNVDPSLQIDIPDALSERDKVKFTVHTKTTLSTFQSPEFSVTRQHEDFVWLHDTLTETTDYAGLIIPPAP
TKPDFDGPREKMQKLGEGEGSMTKEEFAKMKQELEAEYLAVFKKTVSTHEVFLQRLSSHPVLSKDRNFHVFLEYDQDLSV
RRKNTK
;
A,B,C,D
2 'polypeptide(L)' PANEPTVQFFKGKNGSADKVILVTQ P,Q,R,S
#
# COMPACT_ATOMS: atom_id res chain seq x y z
N PRO A 15 -31.39 -22.15 -30.58
CA PRO A 15 -31.25 -21.83 -32.00
C PRO A 15 -32.10 -20.61 -32.39
N SER A 16 -32.89 -20.10 -31.48
CA SER A 16 -33.65 -18.92 -31.72
C SER A 16 -32.76 -17.65 -31.79
N LEU A 17 -31.68 -17.60 -31.04
CA LEU A 17 -30.78 -16.47 -31.08
C LEU A 17 -29.34 -16.95 -31.34
N GLN A 18 -28.82 -16.66 -32.52
CA GLN A 18 -27.50 -17.10 -32.95
C GLN A 18 -26.61 -15.99 -33.43
N ILE A 19 -25.48 -15.85 -32.79
CA ILE A 19 -24.56 -14.79 -33.09
C ILE A 19 -23.19 -15.23 -33.45
N ASP A 20 -22.60 -14.54 -34.39
CA ASP A 20 -21.26 -14.81 -34.86
C ASP A 20 -20.52 -13.55 -35.25
N ILE A 21 -19.25 -13.67 -35.46
CA ILE A 21 -18.41 -12.57 -35.90
C ILE A 21 -17.68 -12.97 -37.16
N PRO A 22 -18.20 -12.58 -38.31
CA PRO A 22 -17.64 -12.96 -39.62
C PRO A 22 -16.36 -12.21 -39.99
N ASP A 23 -16.15 -11.03 -39.42
CA ASP A 23 -14.97 -10.25 -39.75
C ASP A 23 -14.62 -9.23 -38.66
N ALA A 24 -13.41 -8.72 -38.71
CA ALA A 24 -12.90 -7.75 -37.76
C ALA A 24 -11.90 -6.81 -38.38
N LEU A 25 -11.72 -5.65 -37.78
CA LEU A 25 -10.84 -4.67 -38.30
C LEU A 25 -10.00 -3.90 -37.26
N SER A 26 -8.74 -3.70 -37.55
CA SER A 26 -7.85 -2.95 -36.66
C SER A 26 -7.55 -1.65 -37.34
N GLU A 27 -7.94 -0.57 -36.71
CA GLU A 27 -7.71 0.74 -37.25
C GLU A 27 -7.15 1.58 -36.19
N ARG A 28 -5.93 2.05 -36.37
CA ARG A 28 -5.29 2.89 -35.38
C ARG A 28 -5.30 2.10 -34.10
N ASP A 29 -5.82 2.66 -33.03
CA ASP A 29 -5.88 1.94 -31.78
C ASP A 29 -7.20 1.29 -31.45
N LYS A 30 -8.11 1.32 -32.38
CA LYS A 30 -9.42 0.75 -32.18
C LYS A 30 -9.60 -0.53 -32.97
N VAL A 31 -10.30 -1.47 -32.40
CA VAL A 31 -10.60 -2.73 -33.06
C VAL A 31 -12.11 -2.87 -33.22
N LYS A 32 -12.57 -2.99 -34.45
CA LYS A 32 -14.00 -3.09 -34.72
C LYS A 32 -14.42 -4.51 -35.10
N PHE A 33 -15.49 -4.98 -34.48
CA PHE A 33 -16.02 -6.30 -34.77
C PHE A 33 -17.37 -6.18 -35.47
N THR A 34 -17.58 -7.02 -36.48
CA THR A 34 -18.90 -7.14 -37.08
C THR A 34 -19.70 -8.18 -36.30
N VAL A 35 -20.77 -7.74 -35.64
CA VAL A 35 -21.61 -8.64 -34.87
C VAL A 35 -22.83 -9.04 -35.67
N HIS A 36 -22.86 -10.30 -36.11
CA HIS A 36 -23.94 -10.79 -36.97
C HIS A 36 -24.90 -11.68 -36.19
N THR A 37 -26.19 -11.38 -36.29
CA THR A 37 -27.20 -12.08 -35.52
C THR A 37 -28.31 -12.65 -36.39
N LYS A 38 -28.58 -13.95 -36.22
CA LYS A 38 -29.74 -14.58 -36.84
C LYS A 38 -30.70 -15.03 -35.76
N THR A 39 -31.95 -14.58 -35.83
CA THR A 39 -32.91 -14.88 -34.78
C THR A 39 -34.31 -15.14 -35.33
N THR A 40 -35.06 -15.98 -34.61
CA THR A 40 -36.45 -16.26 -34.95
C THR A 40 -37.39 -15.55 -33.99
N LEU A 41 -36.80 -14.88 -33.00
CA LEU A 41 -37.57 -14.14 -32.01
C LEU A 41 -38.12 -12.85 -32.60
N SER A 42 -39.41 -12.60 -32.38
CA SER A 42 -40.04 -11.39 -32.87
C SER A 42 -39.79 -10.24 -31.90
N THR A 43 -39.03 -10.51 -30.84
CA THR A 43 -38.61 -9.47 -29.89
C THR A 43 -37.53 -8.60 -30.52
N PHE A 44 -36.96 -9.07 -31.63
CA PHE A 44 -36.07 -8.28 -32.45
C PHE A 44 -36.82 -7.82 -33.72
N GLN A 45 -36.50 -6.63 -34.19
CA GLN A 45 -37.24 -6.05 -35.31
C GLN A 45 -37.01 -6.79 -36.62
N SER A 46 -35.85 -7.44 -36.75
CA SER A 46 -35.48 -8.14 -37.98
C SER A 46 -34.98 -9.55 -37.69
N PRO A 47 -35.24 -10.50 -38.61
CA PRO A 47 -34.79 -11.87 -38.45
C PRO A 47 -33.29 -12.04 -38.64
N GLU A 48 -32.66 -11.09 -39.34
CA GLU A 48 -31.22 -11.12 -39.54
C GLU A 48 -30.66 -9.71 -39.68
N PHE A 49 -29.57 -9.43 -38.97
CA PHE A 49 -29.00 -8.09 -38.93
C PHE A 49 -27.55 -8.10 -38.46
N SER A 50 -26.83 -7.02 -38.78
CA SER A 50 -25.43 -6.88 -38.39
C SER A 50 -25.14 -5.46 -37.92
N VAL A 51 -24.25 -5.34 -36.94
CA VAL A 51 -23.82 -4.04 -36.45
C VAL A 51 -22.31 -4.01 -36.26
N THR A 52 -21.76 -2.82 -36.07
CA THR A 52 -20.34 -2.66 -35.81
C THR A 52 -20.10 -2.32 -34.35
N ARG A 53 -19.23 -3.08 -33.69
CA ARG A 53 -18.95 -2.86 -32.27
C ARG A 53 -17.46 -2.85 -31.99
N GLN A 54 -17.00 -1.84 -31.24
CA GLN A 54 -15.62 -1.78 -30.81
C GLN A 54 -15.45 -2.63 -29.55
N HIS A 55 -14.21 -2.88 -29.17
CA HIS A 55 -13.94 -3.65 -27.96
C HIS A 55 -14.53 -2.97 -26.73
N GLU A 56 -14.53 -1.64 -26.72
CA GLU A 56 -15.09 -0.86 -25.62
C GLU A 56 -16.57 -1.18 -25.39
N ASP A 57 -17.27 -1.49 -26.48
CA ASP A 57 -18.70 -1.79 -26.40
C ASP A 57 -18.93 -3.13 -25.71
N PHE A 58 -18.02 -4.08 -25.93
CA PHE A 58 -18.09 -5.36 -25.24
C PHE A 58 -17.85 -5.18 -23.76
N VAL A 59 -16.87 -4.33 -23.43
CA VAL A 59 -16.56 -4.04 -22.03
C VAL A 59 -17.74 -3.35 -21.35
N TRP A 60 -18.35 -2.42 -22.06
CA TRP A 60 -19.51 -1.70 -21.55
C TRP A 60 -20.69 -2.64 -21.30
N LEU A 61 -20.90 -3.58 -22.23
CA LEU A 61 -21.98 -4.54 -22.12
C LEU A 61 -21.82 -5.39 -20.87
N HIS A 62 -20.62 -5.91 -20.66
CA HIS A 62 -20.34 -6.75 -19.50
C HIS A 62 -20.52 -6.01 -18.19
N ASP A 63 -19.93 -4.81 -18.11
CA ASP A 63 -19.99 -4.03 -16.89
C ASP A 63 -21.42 -3.58 -16.57
N THR A 64 -22.19 -3.31 -17.61
CA THR A 64 -23.58 -2.91 -17.44
C THR A 64 -24.40 -4.04 -16.86
N LEU A 65 -24.10 -5.27 -17.28
CA LEU A 65 -24.80 -6.45 -16.77
C LEU A 65 -24.45 -6.69 -15.30
N THR A 66 -23.16 -6.57 -14.97
CA THR A 66 -22.68 -6.85 -13.63
C THR A 66 -23.14 -5.80 -12.62
N GLU A 67 -23.35 -4.58 -13.09
CA GLU A 67 -23.78 -3.49 -12.21
C GLU A 67 -25.30 -3.38 -12.15
N THR A 68 -25.99 -4.30 -12.80
CA THR A 68 -27.43 -4.43 -12.65
C THR A 68 -27.70 -5.25 -11.40
N THR A 69 -28.24 -4.61 -10.36
CA THR A 69 -28.38 -5.23 -9.04
C THR A 69 -29.22 -6.52 -9.07
N ASP A 70 -30.19 -6.58 -9.97
CA ASP A 70 -31.00 -7.79 -10.13
C ASP A 70 -30.17 -8.96 -10.63
N TYR A 71 -29.11 -8.66 -11.38
CA TYR A 71 -28.28 -9.68 -12.00
C TYR A 71 -27.17 -10.15 -11.09
N ALA A 72 -26.98 -9.47 -9.97
CA ALA A 72 -25.92 -9.82 -9.03
C ALA A 72 -26.14 -11.22 -8.47
N GLY A 73 -25.20 -12.12 -8.78
CA GLY A 73 -25.32 -13.51 -8.39
C GLY A 73 -25.37 -14.43 -9.60
N LEU A 74 -25.91 -13.91 -10.70
CA LEU A 74 -26.00 -14.68 -11.94
C LEU A 74 -24.62 -15.07 -12.45
N ILE A 75 -24.54 -16.21 -13.12
CA ILE A 75 -23.29 -16.64 -13.74
C ILE A 75 -23.08 -15.82 -15.01
N ILE A 76 -22.45 -14.66 -14.85
CA ILE A 76 -22.15 -13.80 -15.97
C ILE A 76 -20.82 -14.18 -16.59
N PRO A 77 -20.82 -14.46 -17.90
CA PRO A 77 -19.58 -14.83 -18.60
C PRO A 77 -18.57 -13.68 -18.56
N PRO A 78 -17.28 -14.00 -18.41
CA PRO A 78 -16.25 -12.97 -18.29
C PRO A 78 -16.12 -12.12 -19.54
N ALA A 79 -15.81 -10.84 -19.36
CA ALA A 79 -15.61 -9.93 -20.48
C ALA A 79 -14.37 -10.33 -21.26
N PRO A 80 -14.44 -10.24 -22.60
CA PRO A 80 -13.26 -10.51 -23.42
C PRO A 80 -12.18 -9.48 -23.15
N THR A 81 -10.92 -9.93 -23.11
CA THR A 81 -9.80 -9.03 -22.82
C THR A 81 -9.45 -8.19 -24.04
N LYS A 82 -8.82 -7.05 -23.81
CA LYS A 82 -8.44 -6.15 -24.91
C LYS A 82 -7.41 -6.82 -25.81
N PRO A 83 -7.69 -6.85 -27.13
CA PRO A 83 -6.73 -7.40 -28.07
C PRO A 83 -5.49 -6.53 -28.15
N ASP A 84 -4.32 -7.15 -28.26
CA ASP A 84 -3.06 -6.42 -28.28
C ASP A 84 -2.49 -6.32 -29.69
N PHE A 85 -2.69 -5.17 -30.33
CA PHE A 85 -2.16 -4.94 -31.67
C PHE A 85 -1.01 -3.95 -31.67
N ASP A 86 -0.58 -3.52 -30.48
CA ASP A 86 0.50 -2.56 -30.33
C ASP A 86 1.78 -3.03 -31.03
N GLY A 87 2.14 -4.28 -30.78
CA GLY A 87 3.31 -4.89 -31.41
C GLY A 87 3.26 -4.85 -32.93
N PRO A 88 2.29 -5.57 -33.52
CA PRO A 88 2.09 -5.60 -34.98
C PRO A 88 1.95 -4.21 -35.61
N ARG A 89 1.24 -3.31 -34.94
CA ARG A 89 1.02 -1.97 -35.48
C ARG A 89 2.33 -1.19 -35.61
N GLU A 90 3.21 -1.35 -34.61
CA GLU A 90 4.52 -0.72 -34.66
C GLU A 90 5.35 -1.29 -35.80
N LYS A 91 5.41 -2.61 -35.88
CA LYS A 91 6.16 -3.29 -36.92
C LYS A 91 5.67 -2.91 -38.32
N MET A 92 4.35 -2.79 -38.46
CA MET A 92 3.76 -2.54 -39.78
C MET A 92 4.12 -1.15 -40.28
N GLN A 93 3.97 -0.15 -39.42
CA GLN A 93 4.23 1.21 -39.83
C GLN A 93 5.70 1.43 -40.10
N LYS A 94 6.55 0.85 -39.26
CA LYS A 94 7.98 1.00 -39.45
C LYS A 94 8.42 0.17 -40.65
N LEU A 95 7.60 -0.79 -41.03
CA LEU A 95 7.84 -1.60 -42.18
C LEU A 95 7.58 -0.74 -43.37
N GLY A 96 6.54 0.06 -43.24
CA GLY A 96 6.14 0.96 -44.29
C GLY A 96 7.12 2.03 -44.68
N GLU A 97 7.82 2.61 -43.73
CA GLU A 97 8.78 3.68 -43.99
C GLU A 97 9.97 3.22 -44.84
N GLY A 98 10.38 2.00 -44.63
CA GLY A 98 11.50 1.45 -45.31
C GLY A 98 11.19 0.84 -46.65
N GLU A 99 10.01 1.12 -47.20
CA GLU A 99 9.63 0.55 -48.50
C GLU A 99 10.55 1.00 -49.62
N GLY A 100 10.89 2.27 -49.65
CA GLY A 100 11.78 2.77 -50.67
C GLY A 100 13.16 2.21 -50.48
N SER A 101 13.64 2.26 -49.25
CA SER A 101 14.95 1.72 -48.93
C SER A 101 15.05 0.21 -49.03
N MET A 102 14.02 -0.45 -48.56
CA MET A 102 13.99 -1.89 -48.53
C MET A 102 13.99 -2.44 -49.92
N THR A 103 14.50 -3.63 -50.05
CA THR A 103 14.55 -4.36 -51.30
C THR A 103 13.11 -4.68 -51.60
N LYS A 104 12.84 -5.10 -52.81
CA LYS A 104 11.49 -5.45 -53.20
C LYS A 104 11.30 -6.96 -53.02
N GLU A 105 12.28 -7.60 -52.41
CA GLU A 105 12.19 -9.02 -52.19
C GLU A 105 11.92 -9.39 -50.74
N GLU A 106 12.46 -8.63 -49.80
CA GLU A 106 12.20 -8.97 -48.41
C GLU A 106 11.08 -8.14 -47.81
N PHE A 107 10.64 -7.12 -48.55
CA PHE A 107 9.50 -6.35 -48.12
C PHE A 107 8.26 -7.23 -48.01
N ALA A 108 8.04 -8.08 -49.01
CA ALA A 108 6.95 -9.05 -48.97
C ALA A 108 7.27 -10.19 -47.99
N LYS A 109 8.56 -10.41 -47.74
CA LYS A 109 8.98 -11.42 -46.77
C LYS A 109 8.44 -11.17 -45.36
N MET A 110 8.76 -10.01 -44.80
CA MET A 110 8.34 -9.72 -43.43
C MET A 110 6.99 -8.97 -43.37
N LYS A 111 6.41 -8.67 -44.53
CA LYS A 111 5.03 -8.20 -44.59
C LYS A 111 4.12 -9.40 -44.41
N GLN A 112 4.49 -10.50 -45.06
CA GLN A 112 3.76 -11.76 -44.92
C GLN A 112 3.92 -12.27 -43.49
N GLU A 113 5.07 -12.02 -42.90
CA GLU A 113 5.32 -12.41 -41.52
C GLU A 113 4.57 -11.49 -40.56
N LEU A 114 4.34 -10.25 -40.99
CA LEU A 114 3.55 -9.30 -40.23
C LEU A 114 2.06 -9.65 -40.28
N GLU A 115 1.60 -10.00 -41.47
CA GLU A 115 0.21 -10.43 -41.67
C GLU A 115 -0.08 -11.64 -40.80
N ALA A 116 0.88 -12.56 -40.73
CA ALA A 116 0.73 -13.77 -39.92
C ALA A 116 0.65 -13.41 -38.44
N GLU A 117 1.29 -12.31 -38.07
CA GLU A 117 1.29 -11.85 -36.67
C GLU A 117 -0.06 -11.24 -36.33
N TYR A 118 -0.62 -10.49 -37.29
CA TYR A 118 -1.96 -9.95 -37.15
C TYR A 118 -2.99 -11.08 -37.09
N LEU A 119 -2.80 -12.08 -37.94
CA LEU A 119 -3.73 -13.20 -38.05
C LEU A 119 -3.82 -13.97 -36.73
N ALA A 120 -2.70 -14.15 -36.06
CA ALA A 120 -2.66 -14.87 -34.79
C ALA A 120 -3.46 -14.13 -33.72
N VAL A 121 -3.30 -12.81 -33.68
CA VAL A 121 -4.00 -11.98 -32.70
C VAL A 121 -5.50 -11.94 -33.00
N PHE A 122 -5.84 -11.77 -34.28
CA PHE A 122 -7.25 -11.67 -34.69
C PHE A 122 -8.05 -12.93 -34.35
N LYS A 123 -7.55 -14.09 -34.77
CA LYS A 123 -8.21 -15.37 -34.50
C LYS A 123 -8.52 -15.56 -33.03
N LYS A 124 -7.58 -15.17 -32.18
CA LYS A 124 -7.73 -15.33 -30.74
C LYS A 124 -8.78 -14.38 -30.18
N THR A 125 -8.69 -13.10 -30.54
CA THR A 125 -9.58 -12.09 -29.96
C THR A 125 -10.99 -12.15 -30.54
N VAL A 126 -11.13 -12.62 -31.77
CA VAL A 126 -12.44 -12.80 -32.37
C VAL A 126 -13.15 -13.95 -31.65
N SER A 127 -12.38 -14.99 -31.33
CA SER A 127 -12.91 -16.13 -30.60
C SER A 127 -13.43 -15.75 -29.23
N THR A 128 -12.63 -15.00 -28.47
CA THR A 128 -13.02 -14.58 -27.13
C THR A 128 -14.26 -13.69 -27.15
N HIS A 129 -14.33 -12.79 -28.12
CA HIS A 129 -15.46 -11.88 -28.24
C HIS A 129 -16.74 -12.61 -28.66
N GLU A 130 -16.60 -13.55 -29.60
CA GLU A 130 -17.74 -14.31 -30.10
C GLU A 130 -18.32 -15.22 -29.03
N VAL A 131 -17.45 -15.92 -28.31
CA VAL A 131 -17.88 -16.83 -27.25
C VAL A 131 -18.61 -16.07 -26.13
N PHE A 132 -18.13 -14.86 -25.86
CA PHE A 132 -18.77 -13.99 -24.87
C PHE A 132 -20.23 -13.71 -25.23
N LEU A 133 -20.48 -13.40 -26.50
CA LEU A 133 -21.83 -13.09 -26.96
C LEU A 133 -22.70 -14.35 -27.05
N GLN A 134 -22.09 -15.45 -27.46
CA GLN A 134 -22.81 -16.71 -27.59
C GLN A 134 -23.24 -17.24 -26.23
N ARG A 135 -22.41 -17.02 -25.22
CA ARG A 135 -22.76 -17.42 -23.86
C ARG A 135 -23.89 -16.57 -23.31
N LEU A 136 -23.94 -15.30 -23.72
CA LEU A 136 -25.01 -14.40 -23.31
C LEU A 136 -26.34 -14.76 -23.97
N SER A 137 -26.27 -15.29 -25.18
CA SER A 137 -27.47 -15.63 -25.93
C SER A 137 -28.17 -16.86 -25.34
N SER A 138 -27.38 -17.76 -24.76
CA SER A 138 -27.93 -18.99 -24.22
C SER A 138 -28.40 -18.84 -22.76
N HIS A 139 -28.14 -17.68 -22.17
CA HIS A 139 -28.57 -17.42 -20.80
C HIS A 139 -30.01 -16.93 -20.76
N PRO A 140 -30.88 -17.64 -20.02
CA PRO A 140 -32.33 -17.37 -19.99
C PRO A 140 -32.69 -15.98 -19.51
N VAL A 141 -31.85 -15.39 -18.66
CA VAL A 141 -32.12 -14.05 -18.13
C VAL A 141 -31.37 -12.97 -18.91
N LEU A 142 -30.09 -13.20 -19.15
CA LEU A 142 -29.23 -12.19 -19.78
C LEU A 142 -29.57 -11.95 -21.25
N SER A 143 -30.05 -12.99 -21.94
CA SER A 143 -30.35 -12.87 -23.37
C SER A 143 -31.56 -11.97 -23.63
N LYS A 144 -32.32 -11.68 -22.59
CA LYS A 144 -33.49 -10.82 -22.72
C LYS A 144 -33.21 -9.40 -22.25
N ASP A 145 -31.98 -9.15 -21.82
CA ASP A 145 -31.61 -7.84 -21.28
C ASP A 145 -31.71 -6.74 -22.34
N ARG A 146 -32.19 -5.58 -21.92
CA ARG A 146 -32.38 -4.43 -22.81
C ARG A 146 -31.09 -3.97 -23.46
N ASN A 147 -30.02 -3.91 -22.67
CA ASN A 147 -28.73 -3.44 -23.15
C ASN A 147 -28.05 -4.45 -24.07
N PHE A 148 -28.29 -5.73 -23.85
CA PHE A 148 -27.81 -6.77 -24.74
C PHE A 148 -28.51 -6.63 -26.08
N HIS A 149 -29.80 -6.32 -26.03
CA HIS A 149 -30.60 -6.07 -27.21
C HIS A 149 -30.02 -4.92 -28.03
N VAL A 150 -29.74 -3.81 -27.34
CA VAL A 150 -29.16 -2.62 -27.98
C VAL A 150 -27.82 -2.94 -28.62
N PHE A 151 -26.99 -3.68 -27.90
CA PHE A 151 -25.66 -4.07 -28.40
C PHE A 151 -25.73 -4.77 -29.75
N LEU A 152 -26.74 -5.61 -29.92
CA LEU A 152 -26.86 -6.42 -31.12
C LEU A 152 -27.59 -5.70 -32.26
N GLU A 153 -28.49 -4.79 -31.91
CA GLU A 153 -29.44 -4.27 -32.89
C GLU A 153 -29.24 -2.80 -33.25
N TYR A 154 -28.81 -2.00 -32.28
CA TYR A 154 -28.68 -0.55 -32.49
C TYR A 154 -27.66 -0.22 -33.57
N ASP A 155 -28.14 0.37 -34.67
CA ASP A 155 -27.31 0.64 -35.84
C ASP A 155 -26.16 1.59 -35.54
N GLN A 156 -26.48 2.75 -34.97
CA GLN A 156 -25.50 3.81 -34.78
C GLN A 156 -24.41 3.45 -33.77
N ASP A 157 -23.46 4.36 -33.59
CA ASP A 157 -22.36 4.16 -32.66
C ASP A 157 -22.83 4.23 -31.21
N LEU A 158 -22.27 3.39 -30.35
CA LEU A 158 -22.69 3.33 -28.96
C LEU A 158 -22.05 4.40 -28.09
N SER A 159 -21.18 5.21 -28.69
CA SER A 159 -20.41 6.23 -27.97
C SER A 159 -21.24 7.11 -27.06
N VAL A 160 -22.37 7.59 -27.57
CA VAL A 160 -23.22 8.51 -26.83
C VAL A 160 -23.97 7.81 -25.70
N ARG A 161 -24.42 6.58 -25.95
CA ARG A 161 -25.14 5.83 -24.92
C ARG A 161 -24.16 5.29 -23.87
N ARG A 162 -22.87 5.31 -24.17
CA ARG A 162 -21.88 4.91 -23.18
C ARG A 162 -21.45 6.10 -22.32
N LYS A 163 -21.85 7.30 -22.72
CA LYS A 163 -21.45 8.52 -22.02
C LYS A 163 -22.55 9.07 -21.13
N ASN A 164 -23.81 8.72 -21.41
CA ASN A 164 -24.94 9.28 -20.69
C ASN A 164 -25.14 8.59 -19.34
N PRO B 15 -18.82 -3.96 2.04
CA PRO B 15 -18.52 -3.81 3.47
C PRO B 15 -17.07 -4.20 3.78
N SER B 16 -16.39 -4.77 2.79
CA SER B 16 -14.99 -5.14 2.94
C SER B 16 -14.08 -3.98 2.55
N LEU B 17 -14.68 -2.89 2.09
CA LEU B 17 -13.94 -1.69 1.72
C LEU B 17 -14.81 -0.45 1.90
N GLN B 18 -14.85 0.06 3.13
CA GLN B 18 -15.65 1.24 3.45
C GLN B 18 -14.79 2.50 3.44
N ILE B 19 -15.25 3.53 2.72
CA ILE B 19 -14.52 4.77 2.61
C ILE B 19 -15.40 5.96 2.97
N ASP B 20 -14.86 6.89 3.75
CA ASP B 20 -15.60 8.09 4.13
C ASP B 20 -14.68 9.29 4.28
N ILE B 21 -15.25 10.48 4.28
CA ILE B 21 -14.50 11.71 4.46
C ILE B 21 -15.01 12.44 5.71
N PRO B 22 -14.30 12.28 6.84
CA PRO B 22 -14.71 12.85 8.12
C PRO B 22 -14.47 14.36 8.22
N ASP B 23 -13.54 14.89 7.44
CA ASP B 23 -13.22 16.31 7.51
C ASP B 23 -12.53 16.83 6.25
N ALA B 24 -12.65 18.12 6.02
CA ALA B 24 -12.03 18.77 4.87
C ALA B 24 -11.53 20.16 5.24
N LEU B 25 -10.55 20.66 4.50
CA LEU B 25 -9.93 21.94 4.80
C LEU B 25 -9.81 22.82 3.57
N SER B 26 -10.31 24.06 3.66
CA SER B 26 -10.23 25.01 2.56
C SER B 26 -9.19 26.10 2.85
N GLU B 27 -8.15 26.14 2.03
CA GLU B 27 -7.11 27.16 2.13
C GLU B 27 -6.86 27.76 0.76
N ARG B 28 -7.10 29.06 0.63
CA ARG B 28 -7.20 29.76 -0.66
C ARG B 28 -7.85 28.87 -1.73
N ASP B 29 -7.26 28.78 -2.91
CA ASP B 29 -7.76 27.86 -3.92
C ASP B 29 -7.10 26.49 -3.73
N LYS B 30 -7.46 25.83 -2.64
CA LYS B 30 -6.95 24.50 -2.33
C LYS B 30 -7.80 23.83 -1.27
N VAL B 31 -8.40 22.70 -1.62
CA VAL B 31 -9.20 21.95 -0.67
C VAL B 31 -8.56 20.60 -0.36
N LYS B 32 -8.31 20.33 0.91
CA LYS B 32 -7.71 19.07 1.33
C LYS B 32 -8.72 18.20 2.07
N PHE B 33 -9.00 17.02 1.51
CA PHE B 33 -9.92 16.08 2.13
C PHE B 33 -9.17 15.02 2.92
N THR B 34 -9.75 14.58 4.03
CA THR B 34 -9.25 13.42 4.74
C THR B 34 -9.98 12.17 4.27
N VAL B 35 -9.25 11.25 3.65
CA VAL B 35 -9.86 10.02 3.16
C VAL B 35 -9.63 8.87 4.15
N HIS B 36 -10.71 8.47 4.83
CA HIS B 36 -10.65 7.43 5.84
C HIS B 36 -11.13 6.09 5.32
N THR B 37 -10.31 5.06 5.45
CA THR B 37 -10.64 3.75 4.90
C THR B 37 -10.60 2.64 5.95
N LYS B 38 -11.69 1.88 6.02
CA LYS B 38 -11.72 0.64 6.80
C LYS B 38 -11.93 -0.52 5.85
N THR B 39 -11.10 -1.56 5.99
CA THR B 39 -11.17 -2.70 5.09
C THR B 39 -10.77 -4.01 5.76
N THR B 40 -11.32 -5.11 5.28
CA THR B 40 -10.96 -6.44 5.77
C THR B 40 -10.07 -7.15 4.75
N LEU B 41 -9.80 -6.46 3.65
CA LEU B 41 -8.99 -7.01 2.56
C LEU B 41 -7.52 -7.00 2.93
N SER B 42 -6.82 -8.07 2.60
CA SER B 42 -5.38 -8.16 2.88
C SER B 42 -4.57 -7.67 1.69
N THR B 43 -5.27 -7.11 0.70
CA THR B 43 -4.60 -6.46 -0.43
C THR B 43 -4.19 -5.04 -0.01
N PHE B 44 -4.71 -4.60 1.12
CA PHE B 44 -4.25 -3.38 1.77
C PHE B 44 -3.36 -3.75 2.96
N GLN B 45 -2.36 -2.92 3.23
CA GLN B 45 -1.39 -3.24 4.27
C GLN B 45 -1.96 -3.05 5.67
N SER B 46 -3.00 -2.23 5.78
CA SER B 46 -3.62 -1.93 7.07
C SER B 46 -5.14 -2.08 7.00
N PRO B 47 -5.75 -2.52 8.10
CA PRO B 47 -7.21 -2.67 8.18
C PRO B 47 -7.92 -1.32 8.28
N GLU B 48 -7.24 -0.32 8.82
CA GLU B 48 -7.80 1.02 8.97
C GLU B 48 -6.71 2.07 8.82
N PHE B 49 -6.96 3.06 7.96
CA PHE B 49 -5.96 4.08 7.67
C PHE B 49 -6.57 5.33 7.04
N SER B 50 -5.84 6.44 7.15
CA SER B 50 -6.32 7.72 6.62
C SER B 50 -5.21 8.47 5.90
N VAL B 51 -5.59 9.13 4.80
CA VAL B 51 -4.66 9.97 4.06
C VAL B 51 -5.31 11.32 3.75
N THR B 52 -4.49 12.27 3.29
CA THR B 52 -4.99 13.58 2.90
C THR B 52 -4.85 13.77 1.39
N ARG B 53 -5.93 14.17 0.75
CA ARG B 53 -5.93 14.35 -0.70
C ARG B 53 -6.56 15.67 -1.10
N GLN B 54 -5.93 16.35 -2.07
CA GLN B 54 -6.48 17.56 -2.65
C GLN B 54 -7.50 17.19 -3.72
N HIS B 55 -8.27 18.18 -4.17
CA HIS B 55 -9.26 17.94 -5.22
C HIS B 55 -8.58 17.45 -6.50
N GLU B 56 -7.38 17.97 -6.78
CA GLU B 56 -6.62 17.58 -7.95
C GLU B 56 -6.30 16.08 -7.94
N ASP B 57 -6.16 15.53 -6.75
CA ASP B 57 -5.85 14.11 -6.59
C ASP B 57 -7.03 13.26 -7.02
N PHE B 58 -8.24 13.71 -6.72
CA PHE B 58 -9.46 13.04 -7.18
C PHE B 58 -9.55 13.11 -8.70
N VAL B 59 -9.23 14.28 -9.24
CA VAL B 59 -9.23 14.50 -10.68
C VAL B 59 -8.19 13.62 -11.36
N TRP B 60 -7.03 13.48 -10.70
CA TRP B 60 -5.97 12.63 -11.21
C TRP B 60 -6.39 11.16 -11.24
N LEU B 61 -7.03 10.72 -10.16
CA LEU B 61 -7.48 9.33 -10.06
C LEU B 61 -8.48 8.99 -11.16
N HIS B 62 -9.50 9.82 -11.31
CA HIS B 62 -10.52 9.58 -12.33
C HIS B 62 -9.92 9.55 -13.72
N ASP B 63 -9.05 10.50 -14.01
CA ASP B 63 -8.42 10.60 -15.33
C ASP B 63 -7.50 9.41 -15.59
N THR B 64 -6.80 8.96 -14.57
CA THR B 64 -5.91 7.81 -14.70
C THR B 64 -6.71 6.56 -15.08
N LEU B 65 -7.88 6.42 -14.48
CA LEU B 65 -8.75 5.27 -14.76
C LEU B 65 -9.33 5.33 -16.16
N THR B 66 -9.74 6.52 -16.59
CA THR B 66 -10.30 6.71 -17.92
C THR B 66 -9.24 6.54 -19.00
N GLU B 67 -7.99 6.83 -18.66
CA GLU B 67 -6.90 6.76 -19.62
C GLU B 67 -6.26 5.37 -19.65
N THR B 68 -6.72 4.48 -18.78
CA THR B 68 -6.26 3.09 -18.80
C THR B 68 -7.00 2.32 -19.87
N THR B 69 -6.27 1.83 -20.87
CA THR B 69 -6.86 1.20 -22.05
C THR B 69 -7.74 -0.01 -21.73
N ASP B 70 -7.33 -0.79 -20.74
CA ASP B 70 -8.10 -1.97 -20.34
C ASP B 70 -9.43 -1.59 -19.70
N TYR B 71 -9.56 -0.34 -19.26
CA TYR B 71 -10.76 0.12 -18.57
C TYR B 71 -11.73 0.82 -19.51
N ALA B 72 -11.33 1.01 -20.75
CA ALA B 72 -12.17 1.72 -21.71
C ALA B 72 -13.46 0.93 -21.98
N GLY B 73 -14.59 1.53 -21.64
CA GLY B 73 -15.88 0.86 -21.76
C GLY B 73 -16.55 0.69 -20.40
N LEU B 74 -15.73 0.54 -19.36
CA LEU B 74 -16.24 0.37 -18.00
C LEU B 74 -17.06 1.57 -17.56
N ILE B 75 -18.08 1.31 -16.73
CA ILE B 75 -18.86 2.38 -16.14
C ILE B 75 -18.04 3.05 -15.04
N ILE B 76 -17.29 4.08 -15.42
CA ILE B 76 -16.48 4.82 -14.47
C ILE B 76 -17.30 5.97 -13.89
N PRO B 77 -17.39 6.03 -12.55
CA PRO B 77 -18.12 7.14 -11.91
C PRO B 77 -17.47 8.46 -12.25
N PRO B 78 -18.29 9.48 -12.58
CA PRO B 78 -17.78 10.80 -12.96
C PRO B 78 -16.97 11.44 -11.84
N ALA B 79 -15.90 12.15 -12.20
CA ALA B 79 -15.08 12.85 -11.22
C ALA B 79 -15.89 13.92 -10.51
N PRO B 80 -15.66 14.10 -9.20
CA PRO B 80 -16.32 15.17 -8.45
C PRO B 80 -15.91 16.53 -9.00
N THR B 81 -16.86 17.45 -9.11
CA THR B 81 -16.57 18.78 -9.64
C THR B 81 -15.73 19.59 -8.67
N LYS B 82 -14.99 20.55 -9.21
CA LYS B 82 -14.17 21.44 -8.37
C LYS B 82 -15.07 22.31 -7.51
N PRO B 83 -14.90 22.24 -6.18
CA PRO B 83 -15.69 23.05 -5.26
C PRO B 83 -15.35 24.53 -5.40
N ASP B 84 -16.38 25.38 -5.45
CA ASP B 84 -16.15 26.81 -5.59
C ASP B 84 -16.33 27.53 -4.26
N PHE B 85 -15.22 27.98 -3.68
CA PHE B 85 -15.27 28.71 -2.42
C PHE B 85 -15.00 30.19 -2.63
N ASP B 86 -14.69 30.57 -3.87
CA ASP B 86 -14.34 31.95 -4.21
C ASP B 86 -15.43 32.94 -3.81
N GLY B 87 -16.68 32.47 -3.79
CA GLY B 87 -17.79 33.27 -3.33
C GLY B 87 -17.62 33.66 -1.87
N PRO B 88 -17.74 32.69 -0.96
CA PRO B 88 -17.54 32.93 0.47
C PRO B 88 -16.13 33.40 0.83
N ARG B 89 -15.15 33.11 -0.03
CA ARG B 89 -13.76 33.48 0.25
C ARG B 89 -13.54 34.99 0.25
N GLU B 90 -14.06 35.66 -0.77
CA GLU B 90 -13.83 37.09 -0.92
C GLU B 90 -14.53 37.92 0.15
N LYS B 91 -15.69 37.46 0.60
CA LYS B 91 -16.43 38.18 1.64
C LYS B 91 -15.81 37.93 3.00
N MET B 92 -15.02 36.87 3.10
CA MET B 92 -14.33 36.55 4.34
C MET B 92 -13.21 37.55 4.61
N GLN B 93 -12.47 37.91 3.55
CA GLN B 93 -11.39 38.87 3.69
C GLN B 93 -11.95 40.27 3.98
N LYS B 94 -13.12 40.56 3.40
CA LYS B 94 -13.76 41.86 3.57
C LYS B 94 -14.25 42.02 5.00
N LEU B 95 -14.83 40.95 5.53
CA LEU B 95 -15.34 40.95 6.90
C LEU B 95 -14.20 41.11 7.89
N GLY B 96 -13.04 40.56 7.56
CA GLY B 96 -11.86 40.69 8.38
C GLY B 96 -11.05 41.91 8.01
N GLU B 97 -11.70 42.86 7.34
CA GLU B 97 -11.04 44.07 6.89
C GLU B 97 -11.79 45.31 7.36
N GLY B 98 -13.09 45.15 7.58
CA GLY B 98 -13.93 46.24 8.03
C GLY B 98 -14.62 45.97 9.35
N GLU B 99 -13.87 45.43 10.31
CA GLU B 99 -14.39 45.16 11.64
C GLU B 99 -14.69 46.47 12.37
N GLY B 100 -13.84 47.46 12.13
CA GLY B 100 -14.05 48.79 12.68
C GLY B 100 -14.81 49.66 11.69
N SER B 101 -15.67 49.04 10.89
CA SER B 101 -16.43 49.75 9.87
C SER B 101 -17.91 49.38 9.90
N MET B 102 -18.34 48.78 11.00
CA MET B 102 -19.73 48.35 11.16
C MET B 102 -20.04 48.10 12.63
N THR B 103 -21.33 48.02 12.96
CA THR B 103 -21.73 47.75 14.33
C THR B 103 -21.33 46.34 14.75
N LYS B 104 -21.12 46.14 16.04
CA LYS B 104 -20.66 44.86 16.57
C LYS B 104 -21.63 43.72 16.26
N GLU B 105 -22.91 44.02 16.17
CA GLU B 105 -23.93 43.01 15.92
C GLU B 105 -24.07 42.71 14.43
N GLU B 106 -23.76 43.71 13.60
CA GLU B 106 -23.74 43.51 12.16
C GLU B 106 -22.54 42.66 11.77
N PHE B 107 -21.47 42.79 12.54
CA PHE B 107 -20.26 42.00 12.32
C PHE B 107 -20.49 40.53 12.69
N ALA B 108 -21.12 40.30 13.84
CA ALA B 108 -21.40 38.95 14.30
C ALA B 108 -22.43 38.26 13.41
N LYS B 109 -23.35 39.05 12.85
CA LYS B 109 -24.38 38.50 11.98
C LYS B 109 -23.82 38.07 10.63
N MET B 110 -22.97 38.92 10.04
CA MET B 110 -22.36 38.60 8.76
C MET B 110 -21.36 37.45 8.90
N LYS B 111 -20.78 37.31 10.10
CA LYS B 111 -19.84 36.23 10.35
C LYS B 111 -20.55 34.88 10.37
N GLN B 112 -21.79 34.87 10.85
CA GLN B 112 -22.57 33.63 10.87
C GLN B 112 -23.12 33.30 9.49
N GLU B 113 -23.40 34.34 8.70
CA GLU B 113 -23.77 34.16 7.31
C GLU B 113 -22.58 33.67 6.51
N LEU B 114 -21.38 34.07 6.95
CA LEU B 114 -20.14 33.65 6.34
C LEU B 114 -19.97 32.14 6.51
N GLU B 115 -20.11 31.67 7.75
CA GLU B 115 -19.94 30.25 8.06
C GLU B 115 -21.03 29.40 7.44
N ALA B 116 -22.22 29.99 7.26
CA ALA B 116 -23.35 29.28 6.67
C ALA B 116 -23.07 28.94 5.21
N GLU B 117 -22.49 29.90 4.48
CA GLU B 117 -22.18 29.69 3.07
C GLU B 117 -21.03 28.70 2.90
N TYR B 118 -20.11 28.69 3.86
CA TYR B 118 -19.00 27.73 3.84
C TYR B 118 -19.49 26.32 4.16
N LEU B 119 -20.37 26.21 5.14
CA LEU B 119 -20.91 24.92 5.54
C LEU B 119 -21.76 24.30 4.43
N ALA B 120 -22.41 25.15 3.65
CA ALA B 120 -23.25 24.69 2.55
C ALA B 120 -22.40 24.12 1.42
N VAL B 121 -21.34 24.85 1.05
CA VAL B 121 -20.45 24.41 -0.02
C VAL B 121 -19.69 23.14 0.39
N PHE B 122 -19.21 23.11 1.63
CA PHE B 122 -18.50 21.95 2.15
C PHE B 122 -19.35 20.69 2.12
N LYS B 123 -20.56 20.79 2.67
CA LYS B 123 -21.50 19.67 2.70
C LYS B 123 -21.67 19.05 1.31
N LYS B 124 -21.86 19.92 0.32
CA LYS B 124 -22.06 19.49 -1.06
C LYS B 124 -20.85 18.75 -1.61
N THR B 125 -19.70 19.41 -1.55
CA THR B 125 -18.49 18.90 -2.21
C THR B 125 -17.90 17.69 -1.50
N VAL B 126 -18.18 17.54 -0.21
CA VAL B 126 -17.74 16.37 0.54
C VAL B 126 -18.52 15.16 0.05
N SER B 127 -19.82 15.35 -0.17
CA SER B 127 -20.68 14.29 -0.66
C SER B 127 -20.24 13.80 -2.04
N THR B 128 -19.98 14.74 -2.95
CA THR B 128 -19.60 14.37 -4.32
C THR B 128 -18.27 13.63 -4.35
N HIS B 129 -17.32 14.08 -3.54
CA HIS B 129 -16.01 13.44 -3.47
C HIS B 129 -16.09 12.08 -2.77
N GLU B 130 -16.97 11.97 -1.77
CA GLU B 130 -17.12 10.72 -1.03
C GLU B 130 -17.84 9.68 -1.87
N VAL B 131 -18.91 10.09 -2.54
CA VAL B 131 -19.68 9.19 -3.40
C VAL B 131 -18.81 8.62 -4.51
N PHE B 132 -17.94 9.47 -5.07
CA PHE B 132 -17.01 9.05 -6.11
C PHE B 132 -16.14 7.89 -5.65
N LEU B 133 -15.60 8.00 -4.44
CA LEU B 133 -14.72 6.96 -3.89
C LEU B 133 -15.49 5.70 -3.52
N GLN B 134 -16.69 5.87 -2.98
CA GLN B 134 -17.51 4.74 -2.56
C GLN B 134 -17.98 3.92 -3.76
N ARG B 135 -18.24 4.60 -4.87
CA ARG B 135 -18.62 3.91 -6.11
C ARG B 135 -17.46 3.13 -6.70
N LEU B 136 -16.26 3.69 -6.60
CA LEU B 136 -15.06 3.00 -7.05
C LEU B 136 -14.80 1.75 -6.20
N SER B 137 -15.07 1.87 -4.91
CA SER B 137 -14.83 0.77 -3.97
C SER B 137 -15.73 -0.43 -4.26
N SER B 138 -16.90 -0.18 -4.85
CA SER B 138 -17.87 -1.24 -5.09
C SER B 138 -17.78 -1.80 -6.50
N HIS B 139 -16.94 -1.19 -7.34
CA HIS B 139 -16.75 -1.68 -8.70
C HIS B 139 -15.75 -2.84 -8.68
N PRO B 140 -16.16 -4.00 -9.20
CA PRO B 140 -15.35 -5.23 -9.15
C PRO B 140 -13.98 -5.11 -9.82
N VAL B 141 -13.86 -4.21 -10.79
CA VAL B 141 -12.58 -4.03 -11.48
C VAL B 141 -11.81 -2.83 -10.93
N LEU B 142 -12.48 -1.70 -10.80
CA LEU B 142 -11.83 -0.46 -10.42
C LEU B 142 -11.33 -0.48 -8.97
N SER B 143 -12.02 -1.22 -8.11
CA SER B 143 -11.63 -1.30 -6.70
C SER B 143 -10.30 -2.02 -6.51
N LYS B 144 -9.85 -2.72 -7.55
CA LYS B 144 -8.59 -3.46 -7.48
C LYS B 144 -7.42 -2.70 -8.11
N ASP B 145 -7.72 -1.55 -8.71
CA ASP B 145 -6.71 -0.76 -9.41
C ASP B 145 -5.63 -0.21 -8.47
N ARG B 146 -4.38 -0.26 -8.92
CA ARG B 146 -3.24 0.15 -8.10
C ARG B 146 -3.28 1.64 -7.77
N ASN B 147 -3.60 2.47 -8.76
CA ASN B 147 -3.68 3.91 -8.56
C ASN B 147 -4.77 4.27 -7.57
N PHE B 148 -5.84 3.47 -7.56
CA PHE B 148 -6.90 3.63 -6.58
C PHE B 148 -6.39 3.27 -5.19
N HIS B 149 -5.61 2.19 -5.12
CA HIS B 149 -4.98 1.78 -3.87
C HIS B 149 -4.00 2.83 -3.38
N VAL B 150 -3.16 3.33 -4.29
CA VAL B 150 -2.21 4.39 -3.94
C VAL B 150 -2.93 5.63 -3.44
N PHE B 151 -4.04 5.99 -4.09
CA PHE B 151 -4.85 7.13 -3.69
C PHE B 151 -5.32 7.01 -2.24
N LEU B 152 -5.70 5.80 -1.84
CA LEU B 152 -6.24 5.58 -0.50
C LEU B 152 -5.15 5.38 0.55
N GLU B 153 -4.01 4.81 0.13
CA GLU B 153 -3.06 4.24 1.08
C GLU B 153 -1.75 5.03 1.24
N TYR B 154 -1.32 5.71 0.18
CA TYR B 154 -0.03 6.39 0.18
C TYR B 154 0.00 7.53 1.21
N ASP B 155 0.93 7.43 2.16
CA ASP B 155 0.96 8.31 3.32
C ASP B 155 1.43 9.74 2.98
N GLN B 156 1.91 9.94 1.77
CA GLN B 156 2.48 11.23 1.39
C GLN B 156 1.67 11.93 0.30
N ASP B 157 2.08 13.15 -0.02
CA ASP B 157 1.44 13.95 -1.07
C ASP B 157 1.66 13.30 -2.44
N LEU B 158 0.71 13.50 -3.36
CA LEU B 158 0.74 12.83 -4.65
C LEU B 158 1.30 13.69 -5.78
N SER B 159 2.00 14.77 -5.45
CA SER B 159 2.51 15.70 -6.46
C SER B 159 3.47 15.03 -7.46
N VAL B 160 4.30 14.13 -6.97
CA VAL B 160 5.29 13.45 -7.81
C VAL B 160 4.65 12.50 -8.80
N ARG B 161 3.69 11.70 -8.32
CA ARG B 161 3.05 10.69 -9.14
C ARG B 161 2.15 11.30 -10.21
N ARG B 162 1.87 12.60 -10.08
CA ARG B 162 1.07 13.32 -11.07
C ARG B 162 1.97 14.04 -12.07
N LYS B 163 3.11 14.53 -11.60
CA LYS B 163 4.05 15.25 -12.45
C LYS B 163 5.17 14.34 -12.95
N ASN B 164 4.81 13.13 -13.37
CA ASN B 164 5.76 12.18 -13.92
C ASN B 164 5.18 11.40 -15.09
N LEU C 11 3.48 -30.61 9.82
CA LEU C 11 3.28 -31.79 8.99
C LEU C 11 1.89 -31.79 8.37
N ASN C 12 0.94 -31.14 9.05
CA ASN C 12 -0.41 -30.99 8.51
C ASN C 12 -0.42 -30.22 7.21
N VAL C 13 -1.47 -30.43 6.41
CA VAL C 13 -1.60 -29.74 5.13
C VAL C 13 -3.06 -29.41 4.83
N ASP C 14 -3.32 -28.14 4.54
CA ASP C 14 -4.65 -27.70 4.12
C ASP C 14 -4.68 -27.51 2.60
N PRO C 15 -5.68 -28.12 1.94
CA PRO C 15 -5.87 -27.87 0.51
C PRO C 15 -6.41 -26.46 0.27
N SER C 16 -6.91 -25.84 1.34
CA SER C 16 -7.48 -24.50 1.24
C SER C 16 -6.43 -23.41 1.34
N LEU C 17 -5.17 -23.80 1.53
CA LEU C 17 -4.08 -22.84 1.59
C LEU C 17 -2.73 -23.50 1.35
N GLN C 18 -2.26 -23.45 0.11
CA GLN C 18 -1.00 -24.07 -0.28
C GLN C 18 0.00 -23.03 -0.75
N ILE C 19 1.14 -22.96 -0.08
CA ILE C 19 2.16 -21.96 -0.40
C ILE C 19 3.45 -22.62 -0.90
N ASP C 20 4.09 -21.98 -1.86
CA ASP C 20 5.36 -22.46 -2.39
C ASP C 20 6.23 -21.32 -2.90
N ILE C 21 7.52 -21.57 -3.05
CA ILE C 21 8.44 -20.58 -3.59
C ILE C 21 9.09 -21.12 -4.87
N PRO C 22 8.58 -20.71 -6.03
CA PRO C 22 9.04 -21.20 -7.34
C PRO C 22 10.37 -20.60 -7.77
N ASP C 23 10.64 -19.36 -7.40
CA ASP C 23 11.87 -18.69 -7.81
C ASP C 23 12.31 -17.63 -6.83
N ALA C 24 13.62 -17.36 -6.81
CA ALA C 24 14.18 -16.35 -5.93
C ALA C 24 15.27 -15.55 -6.63
N LEU C 25 15.56 -14.37 -6.12
CA LEU C 25 16.54 -13.49 -6.73
C LEU C 25 17.55 -12.97 -5.72
N SER C 26 18.80 -13.38 -5.87
CA SER C 26 19.89 -12.83 -5.06
C SER C 26 20.40 -11.55 -5.72
N GLU C 27 20.18 -10.43 -5.06
CA GLU C 27 20.64 -9.16 -5.58
C GLU C 27 21.42 -8.39 -4.52
N ARG C 28 22.72 -8.25 -4.75
CA ARG C 28 23.61 -7.55 -3.84
C ARG C 28 23.59 -8.18 -2.45
N ASP C 29 22.99 -7.48 -1.48
CA ASP C 29 22.81 -8.07 -0.16
C ASP C 29 21.42 -8.68 -0.04
N LYS C 30 20.46 -8.04 -0.69
CA LYS C 30 19.06 -8.41 -0.60
C LYS C 30 18.75 -9.70 -1.35
N VAL C 31 17.88 -10.53 -0.77
CA VAL C 31 17.38 -11.73 -1.43
C VAL C 31 15.87 -11.67 -1.52
N LYS C 32 15.33 -11.70 -2.74
CA LYS C 32 13.90 -11.62 -2.95
C LYS C 32 13.30 -12.97 -3.30
N PHE C 33 12.28 -13.38 -2.54
CA PHE C 33 11.60 -14.64 -2.79
C PHE C 33 10.23 -14.41 -3.43
N THR C 34 9.94 -15.17 -4.48
CA THR C 34 8.61 -15.16 -5.06
C THR C 34 7.71 -16.10 -4.25
N VAL C 35 6.70 -15.55 -3.59
CA VAL C 35 5.81 -16.35 -2.76
C VAL C 35 4.49 -16.62 -3.48
N HIS C 36 4.29 -17.87 -3.87
CA HIS C 36 3.12 -18.27 -4.63
C HIS C 36 2.09 -18.98 -3.76
N THR C 37 0.83 -18.58 -3.88
CA THR C 37 -0.23 -19.10 -3.03
C THR C 37 -1.46 -19.56 -3.81
N LYS C 38 -1.89 -20.79 -3.56
CA LYS C 38 -3.18 -21.26 -4.04
C LYS C 38 -4.10 -21.53 -2.86
N THR C 39 -5.31 -20.97 -2.91
CA THR C 39 -6.23 -21.04 -1.79
C THR C 39 -7.69 -21.02 -2.21
N THR C 40 -8.55 -21.51 -1.32
CA THR C 40 -9.99 -21.49 -1.56
C THR C 40 -10.69 -20.62 -0.52
N LEU C 41 -9.91 -20.06 0.40
CA LEU C 41 -10.44 -19.22 1.46
C LEU C 41 -11.05 -17.94 0.91
N SER C 42 -12.14 -17.48 1.52
CA SER C 42 -12.88 -16.32 1.03
C SER C 42 -12.29 -15.00 1.53
N THR C 43 -11.26 -15.08 2.36
CA THR C 43 -10.60 -13.88 2.86
C THR C 43 -9.73 -13.25 1.77
N PHE C 44 -9.28 -14.07 0.82
CA PHE C 44 -8.47 -13.59 -0.29
C PHE C 44 -9.37 -13.21 -1.47
N GLN C 45 -8.91 -12.24 -2.27
CA GLN C 45 -9.70 -11.75 -3.40
C GLN C 45 -9.39 -12.50 -4.69
N SER C 46 -8.55 -13.53 -4.60
CA SER C 46 -8.22 -14.35 -5.75
C SER C 46 -7.74 -15.73 -5.30
N PRO C 47 -8.06 -16.76 -6.08
CA PRO C 47 -7.71 -18.15 -5.71
C PRO C 47 -6.23 -18.45 -5.90
N GLU C 48 -5.51 -17.59 -6.61
CA GLU C 48 -4.10 -17.83 -6.88
C GLU C 48 -3.36 -16.52 -7.17
N PHE C 49 -2.23 -16.31 -6.50
CA PHE C 49 -1.47 -15.07 -6.63
C PHE C 49 -0.02 -15.22 -6.18
N SER C 50 0.83 -14.30 -6.63
CA SER C 50 2.24 -14.30 -6.26
C SER C 50 2.70 -12.89 -5.90
N VAL C 51 3.55 -12.81 -4.87
CA VAL C 51 4.13 -11.54 -4.47
C VAL C 51 5.63 -11.67 -4.28
N THR C 52 6.32 -10.54 -4.22
CA THR C 52 7.76 -10.54 -3.97
C THR C 52 8.04 -10.20 -2.51
N ARG C 53 8.75 -11.10 -1.83
CA ARG C 53 9.09 -10.89 -0.44
C ARG C 53 10.58 -11.10 -0.21
N GLN C 54 11.15 -10.22 0.58
CA GLN C 54 12.55 -10.23 0.99
C GLN C 54 12.71 -11.01 2.28
N HIS C 55 13.92 -11.43 2.60
CA HIS C 55 14.14 -12.16 3.84
C HIS C 55 13.65 -11.40 5.06
N GLU C 56 13.85 -10.08 5.06
CA GLU C 56 13.46 -9.24 6.17
C GLU C 56 11.95 -9.29 6.43
N ASP C 57 11.18 -9.50 5.36
CA ASP C 57 9.73 -9.61 5.48
C ASP C 57 9.33 -10.87 6.23
N PHE C 58 10.06 -11.95 5.99
CA PHE C 58 9.86 -13.20 6.71
C PHE C 58 10.15 -12.99 8.19
N VAL C 59 11.24 -12.28 8.47
CA VAL C 59 11.64 -11.98 9.84
C VAL C 59 10.59 -11.12 10.53
N TRP C 60 10.13 -10.09 9.83
CA TRP C 60 9.10 -9.20 10.36
C TRP C 60 7.80 -9.95 10.65
N LEU C 61 7.47 -10.93 9.80
CA LEU C 61 6.26 -11.71 9.98
C LEU C 61 6.35 -12.58 11.24
N HIS C 62 7.50 -13.23 11.42
CA HIS C 62 7.73 -14.06 12.58
C HIS C 62 7.63 -13.25 13.87
N ASP C 63 8.26 -12.08 13.87
CA ASP C 63 8.29 -11.23 15.05
C ASP C 63 6.90 -10.69 15.39
N THR C 64 6.11 -10.40 14.35
CA THR C 64 4.75 -9.90 14.55
C THR C 64 3.87 -10.93 15.24
N LEU C 65 3.98 -12.18 14.81
CA LEU C 65 3.22 -13.27 15.41
C LEU C 65 3.68 -13.53 16.84
N THR C 66 4.99 -13.40 17.07
CA THR C 66 5.56 -13.65 18.38
C THR C 66 5.11 -12.60 19.39
N GLU C 67 4.96 -11.36 18.93
CA GLU C 67 4.61 -10.25 19.81
C GLU C 67 3.10 -10.09 20.00
N THR C 68 2.32 -10.87 19.26
CA THR C 68 0.87 -10.80 19.38
C THR C 68 0.43 -11.49 20.67
N THR C 69 -0.24 -10.77 21.53
CA THR C 69 -0.67 -11.23 22.82
C THR C 69 -1.63 -12.37 22.79
N ASP C 70 -2.55 -12.31 21.86
CA ASP C 70 -3.51 -13.38 21.74
C ASP C 70 -2.82 -14.68 21.32
N TYR C 71 -1.65 -14.59 20.72
CA TYR C 71 -0.93 -15.77 20.29
C TYR C 71 0.02 -16.36 21.31
N ALA C 72 0.03 -15.85 22.53
CA ALA C 72 0.92 -16.37 23.55
C ALA C 72 0.65 -17.83 23.92
N GLY C 73 1.71 -18.62 23.95
CA GLY C 73 1.57 -20.04 24.25
C GLY C 73 1.65 -20.89 23.00
N LEU C 74 1.16 -20.36 21.89
CA LEU C 74 1.17 -21.06 20.62
C LEU C 74 2.58 -21.41 20.15
N ILE C 75 2.70 -22.53 19.47
CA ILE C 75 3.98 -22.93 18.89
C ILE C 75 4.18 -22.25 17.55
N ILE C 76 5.02 -21.21 17.54
CA ILE C 76 5.33 -20.49 16.32
C ILE C 76 6.59 -21.06 15.69
N PRO C 77 6.49 -21.48 14.42
CA PRO C 77 7.64 -22.07 13.71
C PRO C 77 8.82 -21.11 13.64
N PRO C 78 10.04 -21.62 13.80
CA PRO C 78 11.24 -20.79 13.81
C PRO C 78 11.41 -20.00 12.52
N ALA C 79 11.84 -18.75 12.64
CA ALA C 79 12.07 -17.91 11.48
C ALA C 79 13.18 -18.47 10.61
N PRO C 80 13.05 -18.35 9.29
CA PRO C 80 14.13 -18.76 8.41
C PRO C 80 15.38 -17.93 8.66
N THR C 81 16.55 -18.57 8.69
CA THR C 81 17.79 -17.85 8.91
C THR C 81 18.14 -17.05 7.66
N LYS C 82 18.85 -15.94 7.86
CA LYS C 82 19.31 -15.14 6.75
C LYS C 82 20.20 -15.97 5.83
N PRO C 83 19.83 -16.04 4.54
CA PRO C 83 20.65 -16.78 3.58
C PRO C 83 22.04 -16.17 3.48
N ASP C 84 23.06 -17.00 3.37
CA ASP C 84 24.43 -16.51 3.30
C ASP C 84 24.96 -16.68 1.88
N PHE C 85 25.10 -15.56 1.18
CA PHE C 85 25.57 -15.59 -0.21
C PHE C 85 26.90 -14.87 -0.41
N ASP C 86 27.44 -14.21 0.62
CA ASP C 86 28.68 -13.47 0.43
C ASP C 86 29.87 -14.42 0.32
N GLY C 87 29.63 -15.70 0.61
CA GLY C 87 30.62 -16.73 0.33
C GLY C 87 30.94 -16.81 -1.15
N PRO C 88 29.93 -17.11 -1.97
CA PRO C 88 30.12 -17.14 -3.43
C PRO C 88 30.03 -15.78 -4.12
N ARG C 89 29.81 -14.70 -3.36
CA ARG C 89 29.60 -13.39 -4.00
C ARG C 89 30.90 -12.59 -4.12
N GLU C 90 31.77 -12.68 -3.12
CA GLU C 90 33.06 -12.02 -3.21
C GLU C 90 33.97 -12.76 -4.20
N LYS C 91 33.46 -13.87 -4.72
CA LYS C 91 34.08 -14.56 -5.85
C LYS C 91 33.41 -14.11 -7.14
N MET C 92 32.19 -13.58 -7.01
CA MET C 92 31.44 -13.04 -8.14
C MET C 92 31.92 -11.62 -8.47
N GLN C 93 32.42 -10.92 -7.46
CA GLN C 93 32.92 -9.56 -7.66
C GLN C 93 34.11 -9.55 -8.62
N LYS C 94 34.96 -10.56 -8.53
CA LYS C 94 36.15 -10.64 -9.35
C LYS C 94 35.82 -10.85 -10.82
N LEU C 95 34.78 -11.64 -11.09
CA LEU C 95 34.43 -11.99 -12.46
C LEU C 95 33.90 -10.81 -13.26
N GLY C 96 32.92 -10.11 -12.70
CA GLY C 96 32.29 -8.99 -13.40
C GLY C 96 33.23 -7.83 -13.63
N GLU C 97 34.04 -7.50 -12.62
CA GLU C 97 34.96 -6.37 -12.70
C GLU C 97 36.20 -6.72 -13.51
N GLY C 98 36.85 -7.83 -13.15
CA GLY C 98 38.07 -8.24 -13.82
C GLY C 98 37.89 -9.43 -14.74
N GLU C 99 38.15 -9.23 -16.02
CA GLU C 99 38.06 -10.31 -17.00
C GLU C 99 39.06 -10.11 -18.14
N GLY C 100 39.80 -9.00 -18.08
CA GLY C 100 40.82 -8.71 -19.08
C GLY C 100 42.05 -9.55 -18.84
N SER C 101 42.35 -9.82 -17.58
CA SER C 101 43.50 -10.63 -17.21
C SER C 101 43.11 -12.10 -17.25
N MET C 102 41.83 -12.36 -17.52
CA MET C 102 41.31 -13.72 -17.59
C MET C 102 40.85 -14.12 -18.99
N THR C 103 41.13 -15.38 -19.35
CA THR C 103 40.79 -15.95 -20.65
C THR C 103 39.30 -16.14 -20.79
N LYS C 104 38.81 -16.20 -22.02
CA LYS C 104 37.38 -16.39 -22.25
C LYS C 104 36.90 -17.71 -21.65
N GLU C 105 37.68 -18.77 -21.81
CA GLU C 105 37.31 -20.05 -21.24
C GLU C 105 37.67 -20.15 -19.75
N GLU C 106 37.88 -18.99 -19.14
CA GLU C 106 38.18 -18.87 -17.71
C GLU C 106 36.97 -18.24 -17.06
N PHE C 107 36.67 -17.04 -17.55
CA PHE C 107 35.48 -16.30 -17.16
C PHE C 107 34.26 -17.19 -17.28
N ALA C 108 34.22 -17.96 -18.38
CA ALA C 108 33.16 -18.92 -18.61
C ALA C 108 33.25 -20.13 -17.66
N LYS C 109 34.46 -20.68 -17.51
CA LYS C 109 34.66 -21.81 -16.60
C LYS C 109 34.30 -21.41 -15.18
N MET C 110 34.72 -20.21 -14.80
CA MET C 110 34.42 -19.69 -13.47
C MET C 110 33.11 -18.94 -13.41
N LYS C 111 32.36 -18.97 -14.50
CA LYS C 111 30.98 -18.52 -14.48
C LYS C 111 30.11 -19.66 -13.95
N GLN C 112 30.60 -20.89 -14.09
CA GLN C 112 29.83 -22.07 -13.74
C GLN C 112 30.05 -22.55 -12.31
N GLU C 113 31.22 -22.26 -11.75
CA GLU C 113 31.54 -22.63 -10.38
C GLU C 113 30.59 -21.93 -9.40
N LEU C 114 30.08 -20.78 -9.83
CA LEU C 114 29.27 -19.93 -8.96
C LEU C 114 27.78 -20.25 -9.08
N GLU C 115 27.35 -20.62 -10.28
CA GLU C 115 25.98 -21.10 -10.46
C GLU C 115 25.77 -22.35 -9.63
N ALA C 116 26.79 -23.18 -9.54
CA ALA C 116 26.73 -24.40 -8.76
C ALA C 116 26.71 -24.11 -7.26
N GLU C 117 27.52 -23.14 -6.84
CA GLU C 117 27.60 -22.76 -5.43
C GLU C 117 26.37 -21.98 -4.98
N TYR C 118 25.88 -21.09 -5.85
CA TYR C 118 24.66 -20.35 -5.58
C TYR C 118 23.48 -21.30 -5.46
N LEU C 119 23.41 -22.26 -6.37
CA LEU C 119 22.33 -23.24 -6.41
C LEU C 119 22.23 -24.00 -5.09
N ALA C 120 23.38 -24.41 -4.56
CA ALA C 120 23.43 -25.16 -3.31
C ALA C 120 22.86 -24.32 -2.16
N VAL C 121 23.29 -23.07 -2.09
CA VAL C 121 22.79 -22.15 -1.06
C VAL C 121 21.31 -21.86 -1.29
N PHE C 122 20.94 -21.64 -2.56
CA PHE C 122 19.56 -21.32 -2.91
C PHE C 122 18.59 -22.45 -2.56
N LYS C 123 18.93 -23.67 -2.95
CA LYS C 123 18.10 -24.83 -2.63
C LYS C 123 17.85 -24.93 -1.13
N LYS C 124 18.85 -24.56 -0.33
CA LYS C 124 18.73 -24.58 1.11
C LYS C 124 17.82 -23.47 1.64
N THR C 125 18.13 -22.23 1.29
CA THR C 125 17.41 -21.08 1.84
C THR C 125 15.97 -21.00 1.34
N VAL C 126 15.70 -21.52 0.15
CA VAL C 126 14.34 -21.54 -0.37
C VAL C 126 13.52 -22.53 0.45
N SER C 127 14.13 -23.66 0.82
CA SER C 127 13.47 -24.67 1.62
C SER C 127 13.08 -24.14 3.00
N THR C 128 14.02 -23.49 3.67
CA THR C 128 13.78 -22.98 5.02
C THR C 128 12.69 -21.93 5.03
N HIS C 129 12.71 -21.03 4.04
CA HIS C 129 11.68 -20.00 3.93
C HIS C 129 10.33 -20.59 3.55
N GLU C 130 10.36 -21.66 2.75
CA GLU C 130 9.13 -22.30 2.30
C GLU C 130 8.49 -23.14 3.42
N VAL C 131 9.31 -23.91 4.11
CA VAL C 131 8.84 -24.71 5.24
C VAL C 131 8.22 -23.82 6.31
N PHE C 132 8.81 -22.66 6.53
CA PHE C 132 8.30 -21.69 7.48
C PHE C 132 6.88 -21.24 7.12
N LEU C 133 6.68 -20.91 5.84
CA LEU C 133 5.38 -20.47 5.36
C LEU C 133 4.35 -21.59 5.38
N GLN C 134 4.79 -22.80 5.01
CA GLN C 134 3.92 -23.96 4.97
C GLN C 134 3.45 -24.36 6.37
N ARG C 135 4.33 -24.21 7.35
CA ARG C 135 3.97 -24.52 8.73
C ARG C 135 2.92 -23.54 9.25
N LEU C 136 3.01 -22.29 8.81
CA LEU C 136 2.03 -21.28 9.20
C LEU C 136 0.67 -21.58 8.59
N SER C 137 0.66 -22.08 7.36
CA SER C 137 -0.58 -22.34 6.65
C SER C 137 -1.35 -23.50 7.26
N SER C 138 -0.63 -24.43 7.89
CA SER C 138 -1.24 -25.62 8.47
C SER C 138 -1.66 -25.40 9.92
N HIS C 139 -1.19 -24.31 10.52
CA HIS C 139 -1.57 -23.98 11.89
C HIS C 139 -2.98 -23.40 11.90
N PRO C 140 -3.91 -24.05 12.64
CA PRO C 140 -5.32 -23.69 12.63
C PRO C 140 -5.60 -22.26 13.13
N VAL C 141 -4.64 -21.67 13.84
CA VAL C 141 -4.84 -20.32 14.37
C VAL C 141 -4.01 -19.29 13.60
N LEU C 142 -2.74 -19.60 13.38
CA LEU C 142 -1.81 -18.65 12.76
C LEU C 142 -2.12 -18.44 11.28
N SER C 143 -2.84 -19.37 10.66
CA SER C 143 -3.16 -19.26 9.24
C SER C 143 -4.26 -18.24 8.99
N LYS C 144 -4.92 -17.79 10.06
CA LYS C 144 -5.98 -16.81 9.94
C LYS C 144 -5.49 -15.40 10.25
N ASP C 145 -4.23 -15.29 10.67
CA ASP C 145 -3.66 -14.00 11.04
C ASP C 145 -3.62 -13.05 9.85
N ARG C 146 -4.07 -11.81 10.07
CA ARG C 146 -4.19 -10.84 8.98
C ARG C 146 -2.84 -10.41 8.42
N ASN C 147 -1.86 -10.24 9.30
CA ASN C 147 -0.53 -9.84 8.86
C ASN C 147 0.11 -10.95 8.03
N PHE C 148 -0.25 -12.19 8.32
CA PHE C 148 0.19 -13.33 7.51
C PHE C 148 -0.48 -13.26 6.13
N HIS C 149 -1.73 -12.83 6.10
CA HIS C 149 -2.46 -12.70 4.84
C HIS C 149 -1.93 -11.55 4.01
N VAL C 150 -1.65 -10.43 4.67
CA VAL C 150 -1.04 -9.28 4.00
C VAL C 150 0.31 -9.67 3.42
N PHE C 151 1.08 -10.42 4.19
CA PHE C 151 2.36 -10.95 3.73
C PHE C 151 2.22 -11.73 2.42
N LEU C 152 1.12 -12.46 2.30
CA LEU C 152 0.90 -13.32 1.13
C LEU C 152 0.27 -12.60 -0.05
N GLU C 153 -0.55 -11.57 0.21
CA GLU C 153 -1.37 -10.99 -0.85
C GLU C 153 -1.03 -9.53 -1.21
N TYR C 154 -0.42 -8.79 -0.30
CA TYR C 154 -0.08 -7.39 -0.59
C TYR C 154 0.89 -7.29 -1.75
N ASP C 155 0.46 -6.62 -2.82
CA ASP C 155 1.16 -6.65 -4.09
C ASP C 155 2.34 -5.68 -4.17
N GLN C 156 2.57 -4.93 -3.11
CA GLN C 156 3.72 -4.02 -3.06
C GLN C 156 4.76 -4.52 -2.07
N ASP C 157 5.87 -3.81 -1.94
CA ASP C 157 6.89 -4.14 -0.98
C ASP C 157 6.31 -3.88 0.41
N LEU C 158 6.71 -4.66 1.38
CA LEU C 158 6.24 -4.49 2.76
C LEU C 158 7.11 -3.52 3.54
N SER C 159 7.93 -2.76 2.83
CA SER C 159 8.84 -1.79 3.45
C SER C 159 8.08 -0.79 4.32
N VAL C 160 7.06 -0.16 3.74
CA VAL C 160 6.28 0.85 4.44
C VAL C 160 5.66 0.32 5.73
N ARG C 161 5.22 -0.93 5.72
CA ARG C 161 4.63 -1.56 6.89
C ARG C 161 5.63 -1.79 8.02
N ARG C 162 6.84 -2.18 7.64
CA ARG C 162 7.86 -2.55 8.62
C ARG C 162 8.47 -1.33 9.32
N LYS C 163 8.01 -0.14 8.97
CA LYS C 163 8.61 1.08 9.49
C LYS C 163 7.81 1.66 10.67
N ASN C 164 6.49 1.64 10.57
CA ASN C 164 5.64 2.05 11.69
C ASN C 164 5.31 0.83 12.56
N THR C 165 5.03 -0.29 11.90
CA THR C 165 4.69 -1.52 12.60
C THR C 165 5.84 -2.53 12.51
N LEU D 11 3.54 -6.61 24.83
CA LEU D 11 2.99 -6.70 26.18
C LEU D 11 3.61 -7.86 26.94
N ASN D 12 4.52 -8.58 26.30
CA ASN D 12 5.18 -9.73 26.92
C ASN D 12 6.03 -9.32 28.11
N VAL D 13 6.03 -10.15 29.15
CA VAL D 13 6.80 -9.88 30.35
C VAL D 13 7.61 -11.10 30.77
N ASP D 14 8.92 -10.91 30.94
CA ASP D 14 9.79 -11.99 31.35
C ASP D 14 10.18 -11.79 32.81
N PRO D 15 9.95 -12.81 33.65
CA PRO D 15 10.30 -12.75 35.07
C PRO D 15 11.81 -12.71 35.32
N SER D 16 12.59 -13.19 34.35
CA SER D 16 14.03 -13.29 34.51
C SER D 16 14.76 -11.98 34.22
N LEU D 17 14.03 -11.01 33.67
CA LEU D 17 14.61 -9.69 33.37
C LEU D 17 13.55 -8.61 33.51
N GLN D 18 13.58 -7.91 34.64
CA GLN D 18 12.58 -6.90 34.94
C GLN D 18 13.21 -5.53 35.13
N ILE D 19 12.79 -4.59 34.30
CA ILE D 19 13.37 -3.25 34.30
C ILE D 19 12.33 -2.20 34.66
N ASP D 20 12.72 -1.24 35.49
CA ASP D 20 11.83 -0.14 35.85
C ASP D 20 12.62 1.14 36.08
N ILE D 21 11.92 2.26 36.12
CA ILE D 21 12.54 3.55 36.41
C ILE D 21 11.92 4.15 37.68
N PRO D 22 12.57 3.93 38.83
CA PRO D 22 12.06 4.38 40.13
C PRO D 22 12.13 5.89 40.31
N ASP D 23 13.08 6.54 39.65
CA ASP D 23 13.24 7.98 39.80
C ASP D 23 13.94 8.62 38.60
N ALA D 24 13.74 9.93 38.44
CA ALA D 24 14.37 10.67 37.36
C ALA D 24 14.74 12.07 37.83
N LEU D 25 15.63 12.73 37.09
CA LEU D 25 16.12 14.05 37.49
C LEU D 25 16.18 15.00 36.30
N SER D 26 15.52 16.15 36.43
CA SER D 26 15.56 17.17 35.41
C SER D 26 16.57 18.25 35.77
N GLU D 27 17.75 18.18 35.16
CA GLU D 27 18.78 19.18 35.38
C GLU D 27 18.98 20.00 34.12
N ARG D 28 18.55 21.26 34.18
CA ARG D 28 18.53 22.15 33.02
C ARG D 28 17.88 21.46 31.80
N ASP D 29 18.68 21.20 30.77
CA ASP D 29 18.14 20.62 29.54
C ASP D 29 18.33 19.10 29.48
N LYS D 30 19.09 18.56 30.43
CA LYS D 30 19.32 17.12 30.48
C LYS D 30 18.30 16.43 31.37
N VAL D 31 17.92 15.20 31.00
CA VAL D 31 17.05 14.40 31.85
C VAL D 31 17.71 13.07 32.18
N LYS D 32 18.08 12.89 33.45
CA LYS D 32 18.72 11.66 33.90
C LYS D 32 17.69 10.67 34.44
N PHE D 33 17.70 9.46 33.88
CA PHE D 33 16.81 8.40 34.35
C PHE D 33 17.58 7.37 35.15
N THR D 34 17.01 6.97 36.28
CA THR D 34 17.56 5.85 37.04
C THR D 34 16.95 4.56 36.50
N VAL D 35 17.78 3.73 35.88
CA VAL D 35 17.32 2.48 35.31
C VAL D 35 17.59 1.32 36.26
N HIS D 36 16.53 0.77 36.83
CA HIS D 36 16.65 -0.31 37.82
C HIS D 36 16.33 -1.66 37.21
N THR D 37 17.23 -2.62 37.37
CA THR D 37 17.08 -3.93 36.75
C THR D 37 17.14 -5.07 37.76
N LYS D 38 16.16 -5.96 37.70
CA LYS D 38 16.15 -7.19 38.48
C LYS D 38 16.21 -8.38 37.55
N THR D 39 17.24 -9.21 37.68
CA THR D 39 17.45 -10.31 36.75
C THR D 39 17.91 -11.58 37.43
N THR D 40 17.71 -12.71 36.75
CA THR D 40 18.17 -14.00 37.24
C THR D 40 19.11 -14.65 36.22
N LEU D 41 19.32 -13.97 35.11
CA LEU D 41 20.21 -14.45 34.06
C LEU D 41 21.66 -14.46 34.54
N SER D 42 22.46 -15.36 33.99
CA SER D 42 23.84 -15.51 34.42
C SER D 42 24.80 -14.64 33.62
N THR D 43 24.26 -13.94 32.63
CA THR D 43 25.07 -13.07 31.78
C THR D 43 25.37 -11.75 32.48
N PHE D 44 24.65 -11.47 33.56
CA PHE D 44 24.91 -10.31 34.38
C PHE D 44 25.77 -10.69 35.58
N GLN D 45 26.41 -9.70 36.20
CA GLN D 45 27.30 -9.96 37.33
C GLN D 45 26.59 -9.76 38.67
N SER D 46 25.33 -9.36 38.61
CA SER D 46 24.53 -9.16 39.82
C SER D 46 23.05 -9.27 39.50
N PRO D 47 22.27 -9.85 40.43
CA PRO D 47 20.84 -10.07 40.22
C PRO D 47 20.01 -8.79 40.29
N GLU D 48 20.55 -7.74 40.91
CA GLU D 48 19.83 -6.48 41.02
C GLU D 48 20.79 -5.29 40.99
N PHE D 49 20.52 -4.34 40.11
CA PHE D 49 21.41 -3.19 39.95
C PHE D 49 20.73 -1.98 39.30
N SER D 50 21.37 -0.82 39.41
CA SER D 50 20.83 0.41 38.84
C SER D 50 21.93 1.32 38.29
N VAL D 51 21.65 1.95 37.16
CA VAL D 51 22.57 2.92 36.56
C VAL D 51 21.80 4.19 36.18
N THR D 52 22.54 5.24 35.85
CA THR D 52 21.93 6.49 35.42
C THR D 52 22.06 6.64 33.91
N ARG D 53 20.95 7.00 33.25
CA ARG D 53 20.95 7.12 31.79
C ARG D 53 20.23 8.38 31.34
N GLN D 54 20.88 9.14 30.46
CA GLN D 54 20.26 10.31 29.85
C GLN D 54 19.35 9.87 28.72
N HIS D 55 18.46 10.77 28.28
CA HIS D 55 17.56 10.47 27.17
C HIS D 55 18.33 10.10 25.91
N GLU D 56 19.48 10.73 25.72
CA GLU D 56 20.34 10.45 24.56
C GLU D 56 20.81 9.00 24.55
N ASP D 57 20.97 8.42 25.73
CA ASP D 57 21.42 7.03 25.84
C ASP D 57 20.36 6.08 25.31
N PHE D 58 19.09 6.41 25.52
CA PHE D 58 17.98 5.63 25.00
C PHE D 58 17.94 5.69 23.47
N VAL D 59 18.19 6.87 22.93
CA VAL D 59 18.22 7.08 21.48
C VAL D 59 19.37 6.32 20.84
N TRP D 60 20.54 6.38 21.47
CA TRP D 60 21.71 5.66 20.99
C TRP D 60 21.45 4.15 21.00
N LEU D 61 20.75 3.68 22.02
CA LEU D 61 20.42 2.27 22.15
C LEU D 61 19.51 1.84 21.00
N HIS D 62 18.47 2.63 20.74
CA HIS D 62 17.53 2.35 19.67
C HIS D 62 18.22 2.28 18.31
N ASP D 63 19.04 3.28 18.02
CA ASP D 63 19.68 3.39 16.71
C ASP D 63 20.73 2.31 16.51
N THR D 64 21.36 1.88 17.60
CA THR D 64 22.35 0.81 17.54
C THR D 64 21.68 -0.51 17.16
N LEU D 65 20.53 -0.77 17.74
CA LEU D 65 19.79 -1.99 17.45
C LEU D 65 19.30 -2.01 16.01
N THR D 66 18.77 -0.88 15.54
CA THR D 66 18.25 -0.78 14.18
C THR D 66 19.34 -0.98 13.13
N GLU D 67 20.58 -0.66 13.50
CA GLU D 67 21.69 -0.75 12.55
C GLU D 67 22.53 -2.01 12.76
N THR D 68 22.13 -2.83 13.72
CA THR D 68 22.75 -4.14 13.89
C THR D 68 22.26 -5.05 12.77
N THR D 69 23.18 -5.46 11.89
CA THR D 69 22.82 -6.16 10.67
C THR D 69 22.10 -7.49 10.91
N ASP D 70 22.30 -8.09 12.09
CA ASP D 70 21.67 -9.36 12.41
C ASP D 70 20.25 -9.18 12.93
N TYR D 71 19.83 -7.93 13.12
CA TYR D 71 18.50 -7.65 13.65
C TYR D 71 17.58 -7.09 12.57
N ALA D 72 18.06 -7.07 11.34
CA ALA D 72 17.27 -6.56 10.22
C ALA D 72 16.00 -7.40 10.03
N GLY D 73 14.85 -6.73 10.07
CA GLY D 73 13.58 -7.40 9.94
C GLY D 73 12.83 -7.47 11.26
N LEU D 74 13.57 -7.61 12.35
CA LEU D 74 12.98 -7.69 13.69
C LEU D 74 12.18 -6.44 14.03
N ILE D 75 11.19 -6.60 14.89
CA ILE D 75 10.40 -5.46 15.36
C ILE D 75 11.08 -4.80 16.54
N ILE D 76 11.70 -3.65 16.28
CA ILE D 76 12.37 -2.90 17.32
C ILE D 76 11.45 -1.78 17.80
N PRO D 77 11.15 -1.76 19.11
CA PRO D 77 10.23 -0.77 19.68
C PRO D 77 10.72 0.66 19.44
N PRO D 78 9.79 1.58 19.20
CA PRO D 78 10.12 2.98 18.88
C PRO D 78 10.87 3.65 20.03
N ALA D 79 11.87 4.46 19.69
CA ALA D 79 12.60 5.22 20.69
C ALA D 79 11.66 6.21 21.37
N PRO D 80 11.79 6.35 22.70
CA PRO D 80 10.96 7.31 23.43
C PRO D 80 11.22 8.73 22.96
N THR D 81 10.16 9.53 22.81
CA THR D 81 10.30 10.89 22.33
C THR D 81 11.08 11.74 23.33
N LYS D 82 11.75 12.77 22.83
CA LYS D 82 12.54 13.66 23.67
C LYS D 82 11.65 14.39 24.67
N PRO D 83 11.93 14.21 25.98
CA PRO D 83 11.20 14.92 27.03
C PRO D 83 11.40 16.43 26.92
N ASP D 84 10.31 17.18 27.01
CA ASP D 84 10.38 18.63 26.86
C ASP D 84 9.87 19.34 28.09
N PHE D 85 10.78 20.00 28.82
CA PHE D 85 10.41 20.74 30.02
C PHE D 85 10.49 22.24 29.77
N ASP D 86 10.46 22.64 28.50
CA ASP D 86 10.55 24.05 28.13
C ASP D 86 9.50 24.89 28.85
N GLY D 87 8.27 24.40 28.89
CA GLY D 87 7.19 25.05 29.61
C GLY D 87 7.47 25.26 31.08
N PRO D 88 7.59 24.16 31.84
CA PRO D 88 7.87 24.20 33.29
C PRO D 88 9.12 24.98 33.68
N ARG D 89 10.23 24.76 32.99
CA ARG D 89 11.50 25.38 33.36
C ARG D 89 11.47 26.89 33.22
N GLU D 90 10.77 27.38 32.19
CA GLU D 90 10.66 28.82 31.98
C GLU D 90 9.67 29.43 32.97
N LYS D 91 8.75 28.61 33.47
CA LYS D 91 7.86 29.04 34.53
C LYS D 91 8.58 28.93 35.87
N MET D 92 9.56 28.02 35.93
CA MET D 92 10.45 27.91 37.07
C MET D 92 11.44 29.07 37.04
N GLN D 93 11.79 29.49 35.83
CA GLN D 93 12.69 30.62 35.63
C GLN D 93 12.02 31.92 36.02
N LYS D 94 10.71 31.98 35.80
CA LYS D 94 9.92 33.17 36.12
C LYS D 94 9.65 33.26 37.61
N LEU D 95 9.54 32.10 38.26
CA LEU D 95 9.24 32.04 39.68
C LEU D 95 10.43 32.51 40.53
N GLY D 96 11.63 32.22 40.06
CA GLY D 96 12.84 32.60 40.79
C GLY D 96 13.24 34.05 40.57
N GLU D 97 12.44 34.78 39.80
CA GLU D 97 12.73 36.17 39.49
C GLU D 97 12.02 37.14 40.41
N GLY D 98 10.70 36.99 40.53
CA GLY D 98 9.90 37.97 41.23
C GLY D 98 9.34 37.53 42.57
N GLU D 99 10.06 36.68 43.29
CA GLU D 99 9.61 36.27 44.61
C GLU D 99 9.81 37.44 45.59
N GLY D 100 10.79 38.28 45.30
CA GLY D 100 10.97 39.51 46.05
C GLY D 100 9.82 40.46 45.74
N SER D 101 9.30 40.35 44.53
CA SER D 101 8.12 41.12 44.12
C SER D 101 6.81 40.47 44.62
N MET D 102 6.82 39.16 44.82
CA MET D 102 5.59 38.45 45.14
C MET D 102 5.46 38.10 46.63
N THR D 103 4.29 37.62 47.03
CA THR D 103 4.08 37.15 48.39
C THR D 103 4.65 35.76 48.59
N LYS D 104 4.89 35.39 49.83
CA LYS D 104 5.46 34.09 50.15
C LYS D 104 4.46 32.97 49.88
N GLU D 105 3.17 33.24 50.07
CA GLU D 105 2.14 32.23 49.89
C GLU D 105 1.87 31.96 48.41
N GLU D 106 1.76 33.02 47.61
CA GLU D 106 1.56 32.87 46.18
C GLU D 106 2.80 32.21 45.56
N PHE D 107 3.95 32.44 46.18
CA PHE D 107 5.17 31.76 45.76
C PHE D 107 4.98 30.26 45.84
N ALA D 108 4.53 29.78 47.00
CA ALA D 108 4.25 28.37 47.18
C ALA D 108 3.07 27.94 46.30
N LYS D 109 2.13 28.86 46.11
CA LYS D 109 1.00 28.62 45.22
C LYS D 109 1.48 28.45 43.78
N MET D 110 2.46 29.27 43.39
CA MET D 110 3.02 29.19 42.05
C MET D 110 4.03 28.05 41.96
N LYS D 111 4.59 27.67 43.10
CA LYS D 111 5.50 26.52 43.16
C LYS D 111 4.74 25.21 43.08
N GLN D 112 3.60 25.16 43.78
CA GLN D 112 2.73 23.99 43.73
C GLN D 112 2.24 23.78 42.30
N GLU D 113 1.97 24.88 41.61
CA GLU D 113 1.57 24.83 40.20
C GLU D 113 2.73 24.37 39.34
N LEU D 114 3.94 24.76 39.74
CA LEU D 114 5.16 24.40 39.01
C LEU D 114 5.44 22.91 39.14
N GLU D 115 5.33 22.39 40.36
CA GLU D 115 5.57 20.98 40.63
C GLU D 115 4.54 20.10 39.93
N ALA D 116 3.32 20.60 39.83
CA ALA D 116 2.25 19.87 39.17
C ALA D 116 2.53 19.73 37.68
N GLU D 117 3.11 20.77 37.08
CA GLU D 117 3.45 20.74 35.67
C GLU D 117 4.63 19.80 35.42
N TYR D 118 5.61 19.83 36.31
CA TYR D 118 6.75 18.92 36.22
C TYR D 118 6.30 17.48 36.38
N LEU D 119 5.42 17.25 37.35
CA LEU D 119 4.92 15.91 37.64
C LEU D 119 4.18 15.31 36.46
N ALA D 120 3.38 16.16 35.78
CA ALA D 120 2.61 15.72 34.63
C ALA D 120 3.52 15.30 33.47
N VAL D 121 4.59 16.08 33.27
CA VAL D 121 5.54 15.78 32.21
C VAL D 121 6.38 14.56 32.57
N PHE D 122 6.83 14.51 33.83
CA PHE D 122 7.65 13.39 34.31
C PHE D 122 6.92 12.05 34.18
N LYS D 123 5.67 12.01 34.63
CA LYS D 123 4.88 10.78 34.60
C LYS D 123 4.78 10.20 33.20
N LYS D 124 4.67 11.08 32.21
CA LYS D 124 4.52 10.64 30.82
C LYS D 124 5.85 10.17 30.23
N THR D 125 6.91 10.95 30.47
CA THR D 125 8.21 10.64 29.87
C THR D 125 8.87 9.44 30.55
N VAL D 126 8.59 9.22 31.82
CA VAL D 126 9.13 8.06 32.53
C VAL D 126 8.49 6.78 31.99
N SER D 127 7.18 6.84 31.75
CA SER D 127 6.45 5.71 31.18
C SER D 127 6.99 5.31 29.82
N THR D 128 7.17 6.30 28.94
CA THR D 128 7.63 6.04 27.59
C THR D 128 9.03 5.43 27.57
N HIS D 129 9.90 5.92 28.46
CA HIS D 129 11.25 5.39 28.55
C HIS D 129 11.25 3.99 29.17
N GLU D 130 10.37 3.79 30.14
CA GLU D 130 10.26 2.50 30.81
C GLU D 130 9.68 1.44 29.88
N VAL D 131 8.60 1.79 29.18
CA VAL D 131 7.95 0.90 28.22
C VAL D 131 8.92 0.42 27.14
N PHE D 132 9.76 1.35 26.68
CA PHE D 132 10.76 1.03 25.66
C PHE D 132 11.74 -0.04 26.14
N LEU D 133 12.20 0.10 27.38
CA LEU D 133 13.14 -0.87 27.94
C LEU D 133 12.44 -2.21 28.22
N GLN D 134 11.21 -2.14 28.72
CA GLN D 134 10.45 -3.33 29.05
C GLN D 134 10.13 -4.17 27.81
N ARG D 135 9.83 -3.50 26.70
CA ARG D 135 9.57 -4.20 25.45
C ARG D 135 10.83 -4.90 24.95
N LEU D 136 11.98 -4.28 25.18
CA LEU D 136 13.26 -4.87 24.80
C LEU D 136 13.57 -6.11 25.64
N SER D 137 13.24 -6.03 26.93
CA SER D 137 13.54 -7.12 27.86
C SER D 137 12.76 -8.39 27.53
N SER D 138 11.59 -8.23 26.90
CA SER D 138 10.72 -9.36 26.60
C SER D 138 10.93 -9.91 25.19
N HIS D 139 11.75 -9.22 24.39
CA HIS D 139 12.05 -9.70 23.05
C HIS D 139 13.09 -10.83 23.12
N PRO D 140 12.75 -12.00 22.58
CA PRO D 140 13.60 -13.20 22.66
C PRO D 140 14.98 -13.02 22.04
N VAL D 141 15.15 -12.01 21.19
CA VAL D 141 16.44 -11.76 20.55
C VAL D 141 17.12 -10.50 21.08
N LEU D 142 16.36 -9.40 21.14
CA LEU D 142 16.93 -8.10 21.51
C LEU D 142 17.35 -8.05 22.97
N SER D 143 16.72 -8.85 23.82
CA SER D 143 17.02 -8.86 25.24
C SER D 143 18.40 -9.47 25.54
N LYS D 144 19.00 -10.09 24.52
CA LYS D 144 20.30 -10.73 24.69
C LYS D 144 21.41 -9.92 24.04
N ASP D 145 21.05 -8.75 23.49
CA ASP D 145 22.01 -7.87 22.85
C ASP D 145 22.96 -7.27 23.88
N ARG D 146 24.26 -7.28 23.57
CA ARG D 146 25.26 -6.83 24.53
C ARG D 146 25.15 -5.33 24.84
N ASN D 147 24.89 -4.54 23.79
CA ASN D 147 24.77 -3.09 23.97
C ASN D 147 23.58 -2.73 24.85
N PHE D 148 22.53 -3.54 24.77
CA PHE D 148 21.39 -3.41 25.66
C PHE D 148 21.80 -3.73 27.09
N HIS D 149 22.59 -4.80 27.25
CA HIS D 149 23.08 -5.19 28.56
C HIS D 149 24.04 -4.13 29.11
N VAL D 150 24.89 -3.59 28.23
CA VAL D 150 25.77 -2.49 28.61
C VAL D 150 24.95 -1.31 29.09
N PHE D 151 23.89 -0.98 28.35
CA PHE D 151 22.98 0.09 28.72
C PHE D 151 22.43 -0.12 30.14
N LEU D 152 22.19 -1.37 30.50
CA LEU D 152 21.58 -1.70 31.79
C LEU D 152 22.59 -1.79 32.93
N GLU D 153 23.81 -2.25 32.64
CA GLU D 153 24.74 -2.62 33.70
C GLU D 153 25.99 -1.75 33.81
N TYR D 154 26.36 -1.06 32.74
CA TYR D 154 27.57 -0.22 32.75
C TYR D 154 27.40 0.95 33.70
N ASP D 155 28.13 0.94 34.80
CA ASP D 155 27.95 1.90 35.89
C ASP D 155 28.69 3.21 35.66
N GLN D 156 28.65 3.71 34.43
CA GLN D 156 29.23 5.00 34.08
C GLN D 156 28.41 5.67 32.99
N ASP D 157 28.78 6.90 32.65
CA ASP D 157 28.15 7.63 31.56
C ASP D 157 28.45 6.92 30.24
N LEU D 158 27.47 6.88 29.35
CA LEU D 158 27.63 6.26 28.03
C LEU D 158 28.15 7.26 27.00
N SER D 159 28.57 8.43 27.48
CA SER D 159 29.01 9.51 26.59
C SER D 159 30.21 9.08 25.74
N VAL D 160 31.06 8.22 26.29
CA VAL D 160 32.22 7.72 25.56
C VAL D 160 31.76 6.77 24.44
N ARG D 161 30.76 5.95 24.72
CA ARG D 161 30.22 5.04 23.73
C ARG D 161 29.49 5.78 22.62
N ARG D 162 28.78 6.85 22.98
CA ARG D 162 27.99 7.60 22.01
C ARG D 162 28.87 8.42 21.06
N LYS D 163 29.99 8.92 21.58
CA LYS D 163 30.90 9.73 20.77
C LYS D 163 31.82 8.86 19.90
N ASN D 164 31.77 7.55 20.11
CA ASN D 164 32.64 6.65 19.38
C ASN D 164 31.89 5.49 18.73
N THR D 165 30.85 5.82 17.98
CA THR D 165 30.06 4.81 17.28
C THR D 165 30.35 4.83 15.77
N GLU E 4 -1.52 4.52 -39.38
CA GLU E 4 -2.39 5.16 -40.36
C GLU E 4 -3.23 4.13 -41.15
N PRO E 5 -2.59 3.12 -41.76
CA PRO E 5 -3.44 2.16 -42.47
C PRO E 5 -4.21 1.24 -41.52
N THR E 6 -5.15 0.49 -42.07
CA THR E 6 -5.96 -0.42 -41.28
C THR E 6 -5.71 -1.87 -41.71
N VAL E 7 -5.86 -2.79 -40.76
CA VAL E 7 -5.75 -4.22 -41.07
C VAL E 7 -7.10 -4.88 -40.91
N GLN E 8 -7.53 -5.60 -41.95
CA GLN E 8 -8.87 -6.16 -41.99
C GLN E 8 -8.84 -7.68 -41.92
N PHE E 9 -9.63 -8.24 -41.01
CA PHE E 9 -9.66 -9.69 -40.81
C PHE E 9 -10.94 -10.30 -41.38
N PHE E 10 -10.82 -11.51 -41.92
CA PHE E 10 -11.98 -12.24 -42.44
C PHE E 10 -11.98 -13.68 -41.96
N LYS E 11 -13.07 -14.09 -41.33
CA LYS E 11 -13.24 -15.49 -40.93
C LYS E 11 -13.41 -16.35 -42.17
N GLY E 12 -12.74 -17.51 -42.18
CA GLY E 12 -12.85 -18.43 -43.29
C GLY E 12 -14.15 -19.22 -43.23
N LYS E 13 -14.81 -19.34 -44.38
CA LYS E 13 -16.05 -20.10 -44.46
C LYS E 13 -15.96 -21.16 -45.56
N ASN E 14 -16.69 -22.25 -45.37
CA ASN E 14 -16.67 -23.42 -46.26
C ASN E 14 -15.30 -24.07 -46.31
N GLY E 15 -14.60 -24.08 -45.19
CA GLY E 15 -13.31 -24.75 -45.09
C GLY E 15 -12.13 -23.84 -45.44
N SER E 16 -12.44 -22.64 -45.92
CA SER E 16 -11.39 -21.68 -46.27
C SER E 16 -10.68 -21.19 -45.02
N ALA E 17 -9.43 -20.76 -45.18
CA ALA E 17 -8.63 -20.29 -44.06
C ALA E 17 -8.91 -18.82 -43.74
N ASP E 18 -8.91 -18.49 -42.45
CA ASP E 18 -9.04 -17.11 -42.02
C ASP E 18 -7.83 -16.33 -42.48
N LYS E 19 -8.04 -15.07 -42.85
CA LYS E 19 -6.95 -14.26 -43.37
C LYS E 19 -7.08 -12.79 -43.03
N VAL E 20 -5.98 -12.05 -43.17
CA VAL E 20 -5.97 -10.62 -42.94
C VAL E 20 -5.56 -9.87 -44.20
N ILE E 21 -6.02 -8.63 -44.33
CA ILE E 21 -5.66 -7.81 -45.48
C ILE E 21 -5.17 -6.44 -45.02
N LEU E 22 -3.99 -6.06 -45.47
CA LEU E 22 -3.46 -4.72 -45.23
C LEU E 22 -4.10 -3.74 -46.20
N VAL E 23 -4.95 -2.85 -45.67
CA VAL E 23 -5.75 -1.96 -46.50
C VAL E 23 -4.97 -0.72 -46.95
N THR E 24 -5.07 -0.41 -48.23
CA THR E 24 -4.39 0.74 -48.81
C THR E 24 -5.22 2.02 -48.64
N GLU F 4 -4.13 35.12 5.54
CA GLU F 4 -4.33 33.74 5.10
C GLU F 4 -5.27 32.98 6.02
N PRO F 5 -6.59 33.25 5.92
CA PRO F 5 -7.59 32.58 6.74
C PRO F 5 -8.11 31.30 6.10
N THR F 6 -8.00 30.18 6.79
CA THR F 6 -8.50 28.91 6.26
C THR F 6 -9.82 28.54 6.93
N VAL F 7 -10.50 27.55 6.37
CA VAL F 7 -11.77 27.09 6.91
C VAL F 7 -11.78 25.56 7.00
N GLN F 8 -11.91 25.03 8.20
CA GLN F 8 -11.92 23.58 8.38
C GLN F 8 -13.33 23.06 8.63
N PHE F 9 -13.67 21.98 7.94
CA PHE F 9 -14.98 21.37 8.03
C PHE F 9 -14.92 20.05 8.80
N PHE F 10 -15.94 19.76 9.58
CA PHE F 10 -16.01 18.52 10.34
C PHE F 10 -17.38 17.85 10.27
N LYS F 11 -17.40 16.59 9.86
CA LYS F 11 -18.61 15.80 9.95
C LYS F 11 -18.90 15.49 11.42
N GLY F 12 -20.16 15.65 11.80
CA GLY F 12 -20.56 15.44 13.19
C GLY F 12 -20.52 13.99 13.61
N LYS F 13 -19.85 13.75 14.74
CA LYS F 13 -19.83 12.43 15.36
C LYS F 13 -20.86 12.40 16.48
N ASN F 14 -21.23 11.21 16.94
CA ASN F 14 -22.22 11.05 18.01
C ASN F 14 -23.54 11.76 17.72
N GLY F 15 -23.95 11.78 16.46
CA GLY F 15 -25.20 12.41 16.08
C GLY F 15 -25.15 13.92 15.98
N SER F 16 -23.95 14.48 16.11
CA SER F 16 -23.78 15.93 16.04
C SER F 16 -23.92 16.45 14.62
N ALA F 17 -24.02 17.77 14.49
CA ALA F 17 -24.17 18.40 13.18
C ALA F 17 -22.83 18.81 12.60
N ASP F 18 -22.77 18.92 11.27
CA ASP F 18 -21.55 19.34 10.60
C ASP F 18 -21.24 20.80 10.87
N LYS F 19 -19.99 21.10 11.19
CA LYS F 19 -19.58 22.46 11.53
C LYS F 19 -18.37 22.91 10.72
N VAL F 20 -18.27 24.22 10.52
CA VAL F 20 -17.07 24.80 9.95
C VAL F 20 -16.40 25.70 10.99
N ILE F 21 -15.08 25.84 10.90
CA ILE F 21 -14.35 26.66 11.84
C ILE F 21 -13.47 27.68 11.12
N LEU F 22 -13.79 28.95 11.28
CA LEU F 22 -12.95 30.03 10.77
C LEU F 22 -11.75 30.21 11.68
N VAL F 23 -10.56 30.35 11.09
CA VAL F 23 -9.35 30.44 11.89
C VAL F 23 -8.45 31.61 11.50
N THR F 24 -7.66 32.08 12.46
CA THR F 24 -6.71 33.16 12.24
C THR F 24 -5.42 32.64 11.60
N PRO G 5 24.68 -7.17 -11.05
CA PRO G 5 25.25 -8.38 -10.45
C PRO G 5 24.17 -9.23 -9.74
N THR G 6 23.14 -9.61 -10.48
CA THR G 6 22.03 -10.35 -9.89
C THR G 6 22.12 -11.85 -10.21
N VAL G 7 21.54 -12.65 -9.33
CA VAL G 7 21.52 -14.11 -9.51
C VAL G 7 20.10 -14.65 -9.29
N GLN G 8 19.54 -15.26 -10.32
CA GLN G 8 18.18 -15.79 -10.24
C GLN G 8 18.16 -17.29 -10.03
N PHE G 9 17.27 -17.73 -9.15
CA PHE G 9 17.08 -19.16 -8.89
C PHE G 9 15.72 -19.61 -9.41
N PHE G 10 15.67 -20.82 -9.95
CA PHE G 10 14.41 -21.36 -10.46
C PHE G 10 14.22 -22.81 -10.04
N LYS G 11 13.08 -23.08 -9.41
CA LYS G 11 12.73 -24.45 -9.01
C LYS G 11 12.46 -25.32 -10.23
N GLY G 12 12.87 -26.59 -10.13
CA GLY G 12 12.65 -27.54 -11.19
C GLY G 12 11.18 -27.78 -11.46
N LYS G 13 10.84 -28.00 -12.73
CA LYS G 13 9.45 -28.15 -13.12
C LYS G 13 9.19 -29.48 -13.84
N ASN G 14 8.26 -30.27 -13.30
CA ASN G 14 7.84 -31.54 -13.90
C ASN G 14 8.98 -32.50 -14.18
N GLY G 15 9.88 -32.67 -13.21
CA GLY G 15 10.99 -33.61 -13.35
C GLY G 15 12.30 -32.93 -13.67
N SER G 16 12.25 -31.63 -13.98
CA SER G 16 13.44 -30.86 -14.25
C SER G 16 14.17 -30.52 -12.95
N ALA G 17 15.44 -30.15 -13.06
CA ALA G 17 16.25 -29.85 -11.88
C ALA G 17 16.31 -28.35 -11.62
N ASP G 18 16.55 -27.99 -10.36
CA ASP G 18 16.68 -26.58 -9.98
C ASP G 18 17.90 -25.98 -10.67
N LYS G 19 17.74 -24.76 -11.19
CA LYS G 19 18.80 -24.11 -11.94
C LYS G 19 19.06 -22.69 -11.44
N VAL G 20 20.14 -22.09 -11.94
CA VAL G 20 20.51 -20.74 -11.56
C VAL G 20 20.92 -19.92 -12.79
N ILE G 21 20.36 -18.73 -12.92
CA ILE G 21 20.65 -17.85 -14.06
C ILE G 21 21.30 -16.54 -13.62
N LEU G 22 22.37 -16.17 -14.29
CA LEU G 22 23.04 -14.89 -14.03
C LEU G 22 22.56 -13.82 -15.00
N VAL G 23 21.77 -12.87 -14.51
CA VAL G 23 21.22 -11.81 -15.33
C VAL G 23 21.87 -10.47 -15.01
N GLU H 4 19.44 27.99 38.38
CA GLU H 4 19.39 26.70 37.69
C GLU H 4 19.01 25.55 38.64
N PRO H 5 17.84 25.65 39.30
CA PRO H 5 17.50 24.59 40.24
C PRO H 5 17.04 23.31 39.55
N THR H 6 17.62 22.18 39.92
CA THR H 6 17.25 20.90 39.35
C THR H 6 15.91 20.43 39.92
N VAL H 7 15.27 19.50 39.23
CA VAL H 7 14.00 18.96 39.67
C VAL H 7 14.04 17.43 39.73
N GLN H 8 13.81 16.89 40.91
CA GLN H 8 13.83 15.44 41.12
C GLN H 8 12.44 14.85 40.96
N PHE H 9 12.38 13.65 40.41
CA PHE H 9 11.12 12.90 40.34
C PHE H 9 11.26 11.57 41.06
N PHE H 10 10.24 11.20 41.83
CA PHE H 10 10.24 9.91 42.51
C PHE H 10 8.91 9.19 42.24
N LYS H 11 9.00 8.04 41.57
CA LYS H 11 7.79 7.26 41.32
C LYS H 11 7.25 6.71 42.63
N GLY H 12 5.92 6.69 42.75
CA GLY H 12 5.29 6.24 43.97
C GLY H 12 5.52 4.79 44.30
N LYS H 13 6.24 4.58 45.39
CA LYS H 13 6.48 3.27 45.96
C LYS H 13 5.39 2.99 46.99
N ASN H 14 4.95 1.74 47.04
CA ASN H 14 3.97 1.34 48.00
C ASN H 14 2.62 2.00 47.89
N GLY H 15 2.25 2.38 46.68
CA GLY H 15 0.96 2.99 46.43
C GLY H 15 0.83 4.46 46.64
N SER H 16 1.90 5.13 46.99
CA SER H 16 1.84 6.56 47.18
C SER H 16 1.87 7.28 45.85
N ALA H 17 1.24 8.44 45.73
CA ALA H 17 1.37 9.18 44.49
C ALA H 17 2.82 9.52 44.13
N ASP H 18 3.09 9.65 42.84
CA ASP H 18 4.38 10.11 42.37
C ASP H 18 4.55 11.57 42.77
N LYS H 19 5.76 11.94 43.17
CA LYS H 19 6.01 13.31 43.62
C LYS H 19 7.27 13.88 42.97
N VAL H 20 7.38 15.21 43.00
CA VAL H 20 8.55 15.89 42.48
C VAL H 20 9.09 16.87 43.52
N ILE H 21 10.40 17.11 43.45
CA ILE H 21 11.06 18.00 44.41
C ILE H 21 11.98 19.01 43.72
N LEU H 22 11.74 20.29 43.98
CA LEU H 22 12.59 21.34 43.44
C LEU H 22 13.73 21.64 44.42
N VAL H 23 14.96 21.34 44.00
CA VAL H 23 16.12 21.58 44.87
C VAL H 23 16.41 23.07 44.99
#